data_5KS1
#
_entry.id   5KS1
#
_cell.length_a   64.063
_cell.length_b   149.247
_cell.length_c   243.768
_cell.angle_alpha   90.00
_cell.angle_beta   90.00
_cell.angle_gamma   90.00
#
_symmetry.space_group_name_H-M   'C 2 2 21'
#
loop_
_entity.id
_entity.type
_entity.pdbx_description
1 polymer '1-deoxy-D-xylulose 5-phosphate reductoisomerase'
2 non-polymer 1,2-ETHANEDIOL
3 non-polymer 'PHOSPHATE ION'
4 non-polymer 'MANGANESE (II) ION'
5 water water
#
_entity_poly.entity_id   1
_entity_poly.type   'polypeptide(L)'
_entity_poly.pdbx_seq_one_letter_code
;GSGMQKLTILGATGSIGASTLKVIEQNPDKFSVVALAADSNVEKMQQLCQRWQPEYAVMANKEAALRLKMALAVLAPNTQ
VLGGQEALCYVATLEQVDSVMAAIVGAAGLVPTMAAVKAGKRILLANKEALVMSGQLFIDEVEKSGAQLLPVDSEHNAIF
QCLPQTVQGNLGRCDLASQGVSHILLTGSGGPFRYTDVAELEAVTPEQAIAHPNWSMGPKISVDSATMMNKGLEYIEAKW
LFNASRDQLKVIIHPQSVIHSMVQYLDGSVLAQMGEPDMATPIALTLSYPERVKAGVKPLDFTQVGELTFLQPDFERYPC
LALAIEACYLGQHATTTLNAANEVAVAAFLARQIKFTDIARVNDSVLNQVCKQSLASGLDSLESLLELDRMARTLADEVV
RERAQ
;
_entity_poly.pdbx_strand_id   A,B
#
loop_
_chem_comp.id
_chem_comp.type
_chem_comp.name
_chem_comp.formula
EDO non-polymer 1,2-ETHANEDIOL 'C2 H6 O2'
MN non-polymer 'MANGANESE (II) ION' 'Mn 2'
PO4 non-polymer 'PHOSPHATE ION' 'O4 P -3'
#
# COMPACT_ATOMS: atom_id res chain seq x y z
N GLY A 3 4.17 25.56 -14.34
CA GLY A 3 3.26 25.48 -13.17
C GLY A 3 3.98 25.65 -11.85
N MET A 4 4.41 26.88 -11.54
CA MET A 4 4.93 27.18 -10.23
C MET A 4 3.72 27.24 -9.30
N GLN A 5 3.77 26.58 -8.16
CA GLN A 5 2.61 26.57 -7.25
C GLN A 5 2.71 27.59 -6.12
N LYS A 6 1.70 28.41 -5.96
CA LYS A 6 1.72 29.47 -4.99
C LYS A 6 0.97 29.09 -3.75
N LEU A 7 1.61 29.27 -2.61
CA LEU A 7 1.09 28.89 -1.32
C LEU A 7 0.92 29.98 -0.29
N THR A 8 -0.09 29.77 0.56
CA THR A 8 -0.33 30.58 1.71
C THR A 8 -0.26 29.59 2.82
N ILE A 9 0.51 29.87 3.85
CA ILE A 9 0.57 28.98 4.98
C ILE A 9 -0.13 29.58 6.15
N LEU A 10 -1.30 29.05 6.53
CA LEU A 10 -1.94 29.44 7.83
C LEU A 10 -1.35 28.57 9.00
N GLY A 11 -0.73 29.17 9.99
CA GLY A 11 -0.10 28.41 11.08
C GLY A 11 1.31 28.09 10.77
N ALA A 12 2.11 29.11 10.43
CA ALA A 12 3.45 28.88 9.99
C ALA A 12 4.50 28.62 11.05
N THR A 13 4.22 28.92 12.30
CA THR A 13 5.25 28.84 13.34
C THR A 13 5.29 27.55 14.13
N GLY A 14 4.35 26.66 13.87
CA GLY A 14 4.38 25.31 14.49
C GLY A 14 5.14 24.28 13.66
N SER A 15 5.00 23.04 14.06
CA SER A 15 5.74 22.03 13.42
C SER A 15 5.20 21.65 12.07
N ILE A 16 3.91 21.81 11.83
CA ILE A 16 3.35 21.57 10.44
C ILE A 16 3.92 22.67 9.58
N GLY A 17 4.01 23.88 10.05
CA GLY A 17 4.57 24.97 9.21
C GLY A 17 5.97 24.59 8.89
N ALA A 18 6.72 24.14 9.87
CA ALA A 18 8.19 23.83 9.58
C ALA A 18 8.32 22.70 8.67
N SER A 19 7.52 21.64 8.84
CA SER A 19 7.59 20.51 7.86
C SER A 19 7.18 20.95 6.46
N THR A 20 6.19 21.87 6.35
CA THR A 20 5.81 22.33 4.99
C THR A 20 6.97 23.05 4.39
N LEU A 21 7.58 23.92 5.15
CA LEU A 21 8.65 24.78 4.59
C LEU A 21 9.87 23.91 4.22
N LYS A 22 10.07 22.80 4.94
CA LYS A 22 11.19 21.95 4.57
C LYS A 22 10.90 21.39 3.20
N VAL A 23 9.67 21.00 2.89
CA VAL A 23 9.38 20.47 1.57
C VAL A 23 9.58 21.52 0.54
N ILE A 24 9.18 22.75 0.84
CA ILE A 24 9.33 23.84 -0.13
C ILE A 24 10.76 24.14 -0.41
N GLU A 25 11.60 24.07 0.62
CA GLU A 25 13.02 24.35 0.44
C GLU A 25 13.63 23.37 -0.57
N GLN A 26 13.20 22.16 -0.48
CA GLN A 26 13.67 21.08 -1.36
C GLN A 26 13.24 21.19 -2.83
N ASN A 27 12.19 21.98 -3.07
CA ASN A 27 11.65 22.11 -4.38
C ASN A 27 11.49 23.54 -4.73
N PRO A 28 12.59 24.29 -4.76
CA PRO A 28 12.43 25.73 -5.12
C PRO A 28 11.87 26.02 -6.50
N ASP A 29 12.08 25.10 -7.42
CA ASP A 29 11.56 25.22 -8.78
CA ASP A 29 11.57 25.32 -8.78
C ASP A 29 10.06 25.04 -8.91
N LYS A 30 9.41 24.49 -7.88
CA LYS A 30 7.97 24.18 -7.99
C LYS A 30 7.03 24.87 -7.05
N PHE A 31 7.54 25.32 -5.91
CA PHE A 31 6.69 25.98 -4.90
C PHE A 31 7.21 27.32 -4.51
N SER A 32 6.28 28.15 -4.09
CA SER A 32 6.50 29.52 -3.89
C SER A 32 5.62 29.99 -2.73
N VAL A 33 6.21 30.60 -1.70
CA VAL A 33 5.43 31.10 -0.58
C VAL A 33 4.99 32.52 -0.77
N VAL A 34 3.71 32.73 -0.94
CA VAL A 34 3.14 34.03 -1.09
C VAL A 34 2.84 34.61 0.26
N ALA A 35 2.34 33.77 1.18
CA ALA A 35 2.03 34.39 2.50
C ALA A 35 2.28 33.48 3.62
N LEU A 36 2.62 34.03 4.78
CA LEU A 36 2.74 33.23 5.98
C LEU A 36 1.82 33.91 6.99
N ALA A 37 1.15 33.11 7.83
CA ALA A 37 0.30 33.61 8.82
C ALA A 37 0.49 32.83 10.12
N ALA A 38 0.29 33.46 11.27
CA ALA A 38 0.45 32.83 12.56
C ALA A 38 -0.40 33.55 13.57
N ASP A 39 -0.23 33.23 14.87
CA ASP A 39 -1.07 33.82 15.91
C ASP A 39 -0.38 35.06 16.52
N SER A 40 0.54 34.79 17.43
CA SER A 40 1.14 35.83 18.24
C SER A 40 2.61 35.54 18.52
N ASN A 41 3.22 34.56 17.79
CA ASN A 41 4.66 34.31 17.98
C ASN A 41 5.49 35.11 17.03
N VAL A 42 5.75 36.34 17.41
CA VAL A 42 6.42 37.30 16.58
C VAL A 42 7.84 36.89 16.28
N GLU A 43 8.53 36.39 17.29
CA GLU A 43 9.94 36.04 17.19
C GLU A 43 10.16 34.98 16.13
N LYS A 44 9.31 33.98 16.11
CA LYS A 44 9.47 32.91 15.18
C LYS A 44 9.01 33.44 13.83
N MET A 45 7.95 34.27 13.78
CA MET A 45 7.54 34.81 12.50
C MET A 45 8.63 35.63 11.86
N GLN A 46 9.25 36.53 12.62
CA GLN A 46 10.18 37.43 12.00
C GLN A 46 11.36 36.66 11.45
N GLN A 47 11.73 35.59 12.12
CA GLN A 47 12.75 34.73 11.65
C GLN A 47 12.34 34.06 10.33
N LEU A 48 11.10 33.53 10.26
CA LEU A 48 10.63 32.91 9.02
C LEU A 48 10.50 33.93 7.90
N CYS A 49 9.99 35.12 8.18
CA CYS A 49 9.92 36.14 7.12
C CYS A 49 11.29 36.64 6.70
N GLN A 50 12.26 36.62 7.58
CA GLN A 50 13.63 36.95 7.12
C GLN A 50 14.10 35.91 6.12
N ARG A 51 13.90 34.66 6.42
CA ARG A 51 14.35 33.59 5.51
C ARG A 51 13.54 33.54 4.23
N TRP A 52 12.20 33.69 4.32
CA TRP A 52 11.36 33.58 3.13
C TRP A 52 10.95 34.82 2.40
N GLN A 53 11.03 36.00 3.01
CA GLN A 53 10.67 37.25 2.32
C GLN A 53 9.28 37.09 1.60
N PRO A 54 8.28 36.68 2.34
CA PRO A 54 6.94 36.53 1.77
C PRO A 54 6.33 37.87 1.39
N GLU A 55 5.45 37.85 0.41
CA GLU A 55 4.77 39.04 -0.02
C GLU A 55 3.94 39.55 1.10
N TYR A 56 3.33 38.64 1.84
CA TYR A 56 2.51 39.00 2.99
C TYR A 56 2.82 38.22 4.20
N ALA A 57 2.66 38.84 5.36
CA ALA A 57 2.74 38.12 6.61
C ALA A 57 1.63 38.60 7.47
N VAL A 58 0.98 37.65 8.15
CA VAL A 58 -0.20 37.96 8.96
C VAL A 58 -0.06 37.42 10.38
N MET A 59 -0.40 38.26 11.36
CA MET A 59 -0.63 37.76 12.71
C MET A 59 -2.11 37.92 13.00
N ALA A 60 -2.68 36.89 13.61
CA ALA A 60 -4.06 36.94 13.99
C ALA A 60 -4.18 38.02 15.07
N ASN A 61 -3.25 38.04 16.00
CA ASN A 61 -3.28 39.03 17.05
C ASN A 61 -2.79 40.41 16.46
N LYS A 62 -3.66 41.41 16.52
CA LYS A 62 -3.34 42.74 15.98
C LYS A 62 -2.14 43.44 16.62
N GLU A 63 -2.01 43.30 17.92
CA GLU A 63 -0.84 43.81 18.64
C GLU A 63 0.41 43.12 18.15
N ALA A 64 0.34 41.81 18.10
CA ALA A 64 1.45 41.03 17.51
C ALA A 64 1.78 41.55 16.06
N ALA A 65 0.78 41.97 15.31
CA ALA A 65 1.01 42.37 13.99
C ALA A 65 1.82 43.67 13.99
N LEU A 66 1.53 44.56 14.91
CA LEU A 66 2.27 45.80 14.99
C LEU A 66 3.72 45.56 15.30
N ARG A 67 3.97 44.63 16.20
CA ARG A 67 5.33 44.31 16.54
C ARG A 67 6.08 43.73 15.36
N LEU A 68 5.43 42.85 14.61
CA LEU A 68 6.06 42.21 13.48
C LEU A 68 6.38 43.25 12.39
N LYS A 69 5.47 44.17 12.23
CA LYS A 69 5.62 45.22 11.26
C LYS A 69 6.84 46.10 11.53
N MET A 70 7.14 46.33 12.80
CA MET A 70 8.34 47.03 13.17
C MET A 70 9.55 46.20 12.95
N ALA A 71 9.49 44.96 13.31
CA ALA A 71 10.63 44.14 13.06
C ALA A 71 11.05 43.98 11.59
N LEU A 72 10.04 43.84 10.78
CA LEU A 72 10.28 43.48 9.34
C LEU A 72 10.68 44.70 8.58
N ALA A 73 10.50 45.90 9.17
CA ALA A 73 11.01 47.09 8.54
C ALA A 73 12.49 46.99 8.37
N VAL A 74 13.11 46.14 9.18
CA VAL A 74 14.52 45.84 8.99
C VAL A 74 14.78 44.47 8.40
N LEU A 75 14.02 43.50 8.85
CA LEU A 75 14.34 42.12 8.41
C LEU A 75 13.72 41.66 7.11
N ALA A 76 12.63 42.27 6.70
CA ALA A 76 11.94 41.93 5.40
C ALA A 76 11.22 43.12 4.91
N PRO A 77 11.99 44.07 4.36
CA PRO A 77 11.34 45.37 4.08
C PRO A 77 10.26 45.25 3.04
N ASN A 78 10.40 44.26 2.17
CA ASN A 78 9.40 44.05 1.11
C ASN A 78 8.10 43.43 1.52
N THR A 79 8.12 42.70 2.62
CA THR A 79 6.90 42.06 3.17
C THR A 79 5.87 43.01 3.73
N GLN A 80 4.61 42.78 3.40
CA GLN A 80 3.51 43.57 3.89
C GLN A 80 2.91 42.78 5.07
N VAL A 81 2.79 43.43 6.19
CA VAL A 81 2.33 42.85 7.39
C VAL A 81 0.90 43.30 7.66
N LEU A 82 0.04 42.34 8.00
CA LEU A 82 -1.34 42.56 8.24
C LEU A 82 -1.73 41.89 9.59
N GLY A 83 -2.88 42.27 10.11
CA GLY A 83 -3.39 41.74 11.38
C GLY A 83 -4.86 41.41 11.42
N GLY A 84 -5.21 40.40 12.22
CA GLY A 84 -6.60 40.08 12.49
C GLY A 84 -7.23 39.03 11.61
N GLN A 85 -8.39 38.59 12.04
CA GLN A 85 -9.04 37.46 11.40
C GLN A 85 -9.38 37.72 9.93
N GLU A 86 -9.80 38.90 9.61
CA GLU A 86 -10.06 39.26 8.23
C GLU A 86 -8.83 39.16 7.32
N ALA A 87 -7.65 39.48 7.85
CA ALA A 87 -6.43 39.42 7.09
C ALA A 87 -6.07 37.94 6.80
N LEU A 88 -6.34 37.08 7.75
CA LEU A 88 -6.16 35.64 7.52
C LEU A 88 -7.00 35.18 6.32
N CYS A 89 -8.24 35.65 6.25
CA CYS A 89 -9.09 35.25 5.13
C CYS A 89 -8.57 35.85 3.87
N TYR A 90 -8.02 37.03 4.00
CA TYR A 90 -7.55 37.75 2.85
C TYR A 90 -6.46 36.95 2.15
N VAL A 91 -5.47 36.47 2.93
CA VAL A 91 -4.32 35.66 2.35
C VAL A 91 -4.70 34.27 1.91
N ALA A 92 -5.72 33.74 2.57
CA ALA A 92 -6.26 32.43 2.21
C ALA A 92 -7.04 32.49 0.93
N THR A 93 -7.40 33.68 0.45
CA THR A 93 -8.27 33.76 -0.73
C THR A 93 -7.65 34.53 -1.86
N LEU A 94 -6.35 34.85 -1.76
CA LEU A 94 -5.74 35.68 -2.82
C LEU A 94 -5.86 34.99 -4.16
N GLU A 95 -6.00 35.76 -5.22
CA GLU A 95 -6.23 35.20 -6.57
C GLU A 95 -5.08 34.38 -7.11
N GLN A 96 -3.87 34.83 -6.90
CA GLN A 96 -2.69 34.08 -7.33
C GLN A 96 -2.34 32.79 -6.54
N VAL A 97 -2.99 32.58 -5.38
CA VAL A 97 -2.66 31.46 -4.50
C VAL A 97 -3.38 30.18 -5.05
N ASP A 98 -2.63 29.10 -5.20
CA ASP A 98 -3.16 27.79 -5.61
C ASP A 98 -3.59 26.91 -4.42
N SER A 99 -2.73 26.79 -3.41
CA SER A 99 -3.00 25.96 -2.29
C SER A 99 -2.84 26.69 -0.95
N VAL A 100 -3.60 26.27 0.06
CA VAL A 100 -3.52 26.86 1.37
C VAL A 100 -3.26 25.77 2.38
N MET A 101 -2.18 25.90 3.14
CA MET A 101 -1.91 24.91 4.22
C MET A 101 -2.76 25.39 5.34
N ALA A 102 -3.78 24.64 5.67
CA ALA A 102 -4.66 25.12 6.74
C ALA A 102 -4.27 24.50 8.07
N ALA A 103 -3.37 25.16 8.78
CA ALA A 103 -2.78 24.57 9.98
C ALA A 103 -2.94 25.40 11.22
N ILE A 104 -3.83 26.38 11.19
CA ILE A 104 -4.19 27.03 12.41
C ILE A 104 -5.11 26.06 13.12
N VAL A 105 -4.79 25.79 14.37
CA VAL A 105 -5.55 24.82 15.16
C VAL A 105 -6.59 25.50 15.97
N GLY A 106 -7.53 24.69 16.39
CA GLY A 106 -8.63 25.13 17.21
C GLY A 106 -9.68 25.82 16.38
N ALA A 107 -10.66 26.30 17.09
CA ALA A 107 -11.80 27.02 16.51
C ALA A 107 -11.36 28.27 15.75
N ALA A 108 -10.31 28.89 16.20
CA ALA A 108 -9.73 30.02 15.48
C ALA A 108 -9.54 29.71 13.98
N GLY A 109 -9.22 28.47 13.65
CA GLY A 109 -8.95 28.07 12.29
C GLY A 109 -10.13 27.92 11.37
N LEU A 110 -11.33 27.82 11.92
CA LEU A 110 -12.51 27.52 11.10
C LEU A 110 -12.81 28.51 10.01
N VAL A 111 -12.94 29.79 10.34
CA VAL A 111 -13.37 30.77 9.37
C VAL A 111 -12.37 30.96 8.23
N PRO A 112 -11.11 31.18 8.57
CA PRO A 112 -10.14 31.26 7.45
C PRO A 112 -10.05 29.97 6.62
N THR A 113 -10.08 28.80 7.28
CA THR A 113 -10.07 27.56 6.50
C THR A 113 -11.32 27.56 5.55
N MET A 114 -12.48 27.95 6.08
CA MET A 114 -13.72 28.01 5.29
C MET A 114 -13.65 28.96 4.15
N ALA A 115 -12.94 30.06 4.39
CA ALA A 115 -12.72 31.08 3.38
C ALA A 115 -11.95 30.54 2.20
N ALA A 116 -10.90 29.80 2.47
CA ALA A 116 -10.15 29.16 1.36
C ALA A 116 -11.04 28.15 0.62
N VAL A 117 -11.82 27.42 1.37
CA VAL A 117 -12.74 26.49 0.75
C VAL A 117 -13.67 27.21 -0.20
N LYS A 118 -14.31 28.30 0.25
CA LYS A 118 -15.26 29.03 -0.63
C LYS A 118 -14.57 29.62 -1.85
N ALA A 119 -13.30 29.90 -1.73
CA ALA A 119 -12.52 30.43 -2.83
C ALA A 119 -12.08 29.34 -3.75
N GLY A 120 -12.45 28.10 -3.45
CA GLY A 120 -12.09 26.99 -4.32
C GLY A 120 -10.60 26.58 -4.40
N LYS A 121 -9.86 26.82 -3.35
CA LYS A 121 -8.46 26.52 -3.37
C LYS A 121 -8.18 25.06 -3.00
N ARG A 122 -6.99 24.58 -3.34
CA ARG A 122 -6.56 23.32 -2.76
C ARG A 122 -6.35 23.54 -1.26
N ILE A 123 -6.87 22.69 -0.43
CA ILE A 123 -6.82 22.87 1.00
C ILE A 123 -6.02 21.75 1.61
N LEU A 124 -4.91 22.09 2.21
CA LEU A 124 -4.08 21.08 2.76
C LEU A 124 -4.54 21.07 4.20
N LEU A 125 -5.36 20.12 4.55
CA LEU A 125 -6.16 20.30 5.72
C LEU A 125 -5.41 19.71 6.91
N ALA A 126 -5.06 20.59 7.85
CA ALA A 126 -4.38 20.19 9.05
C ALA A 126 -5.02 20.71 10.27
N ASN A 127 -6.26 21.15 10.20
CA ASN A 127 -7.03 21.62 11.30
C ASN A 127 -8.07 20.53 11.56
N LYS A 128 -8.16 20.05 12.79
CA LYS A 128 -9.10 18.96 13.12
C LYS A 128 -10.56 19.45 13.19
N GLU A 129 -10.72 20.65 13.72
CA GLU A 129 -12.05 21.18 14.04
C GLU A 129 -12.94 21.30 12.84
N ALA A 130 -12.37 21.53 11.65
CA ALA A 130 -13.22 21.75 10.50
C ALA A 130 -14.17 20.52 10.36
N LEU A 131 -13.67 19.31 10.47
CA LEU A 131 -14.47 18.16 10.27
C LEU A 131 -15.01 17.59 11.60
N VAL A 132 -14.24 17.61 12.67
CA VAL A 132 -14.75 17.23 13.96
C VAL A 132 -15.98 18.08 14.37
N MET A 133 -15.91 19.37 14.19
CA MET A 133 -17.02 20.21 14.59
C MET A 133 -18.08 20.34 13.53
N SER A 134 -17.69 20.42 12.28
CA SER A 134 -18.62 20.78 11.27
C SER A 134 -18.32 20.15 9.93
N GLY A 135 -18.16 18.83 9.94
CA GLY A 135 -17.90 18.09 8.72
C GLY A 135 -18.88 18.25 7.56
N GLN A 136 -20.16 18.15 7.83
CA GLN A 136 -21.15 18.20 6.74
C GLN A 136 -21.03 19.52 5.98
N LEU A 137 -20.95 20.58 6.76
CA LEU A 137 -20.82 21.92 6.24
C LEU A 137 -19.63 22.12 5.34
N PHE A 138 -18.49 21.62 5.81
CA PHE A 138 -17.29 21.64 5.01
C PHE A 138 -17.44 20.90 3.72
N ILE A 139 -17.97 19.67 3.81
CA ILE A 139 -18.03 18.84 2.63
C ILE A 139 -18.95 19.51 1.62
N ASP A 140 -20.05 20.07 2.10
CA ASP A 140 -20.97 20.76 1.23
C ASP A 140 -20.35 21.93 0.53
N GLU A 141 -19.67 22.76 1.31
CA GLU A 141 -18.97 23.88 0.71
C GLU A 141 -17.88 23.48 -0.29
N VAL A 142 -17.14 22.42 0.02
CA VAL A 142 -16.15 21.96 -0.91
C VAL A 142 -16.71 21.58 -2.28
N GLU A 143 -17.80 20.86 -2.25
CA GLU A 143 -18.49 20.52 -3.49
C GLU A 143 -18.93 21.72 -4.30
N LYS A 144 -19.48 22.76 -3.66
CA LYS A 144 -19.93 23.98 -4.42
C LYS A 144 -18.82 24.67 -5.17
N SER A 145 -17.65 24.82 -4.50
CA SER A 145 -16.55 25.61 -5.05
C SER A 145 -15.58 24.81 -5.90
N GLY A 146 -15.62 23.49 -5.81
CA GLY A 146 -14.64 22.69 -6.50
C GLY A 146 -13.28 22.73 -5.78
N ALA A 147 -13.28 23.11 -4.51
CA ALA A 147 -12.09 23.02 -3.73
C ALA A 147 -11.60 21.58 -3.60
N GLN A 148 -10.30 21.35 -3.78
CA GLN A 148 -9.73 20.05 -3.55
C GLN A 148 -9.46 19.93 -2.07
N LEU A 149 -9.69 18.80 -1.50
CA LEU A 149 -9.40 18.58 -0.10
C LEU A 149 -8.27 17.56 0.00
N LEU A 150 -7.15 17.91 0.60
CA LEU A 150 -6.04 17.01 0.74
C LEU A 150 -5.64 16.88 2.17
N PRO A 151 -5.77 15.67 2.78
CA PRO A 151 -5.59 15.63 4.22
C PRO A 151 -4.17 15.51 4.63
N VAL A 152 -3.76 16.27 5.68
CA VAL A 152 -2.40 16.31 6.14
C VAL A 152 -2.13 15.29 7.25
N ASP A 153 -3.07 14.98 8.12
CA ASP A 153 -2.83 14.14 9.26
C ASP A 153 -2.26 12.82 8.78
N SER A 154 -1.26 12.36 9.49
CA SER A 154 -0.57 11.19 9.06
C SER A 154 -1.54 10.03 8.74
N GLU A 155 -2.47 9.75 9.60
CA GLU A 155 -3.38 8.62 9.36
C GLU A 155 -4.29 8.78 8.14
N HIS A 156 -4.84 9.98 7.99
CA HIS A 156 -5.72 10.26 6.88
C HIS A 156 -4.95 10.23 5.55
N ASN A 157 -3.74 10.72 5.58
CA ASN A 157 -2.94 10.79 4.39
C ASN A 157 -2.53 9.38 3.98
N ALA A 158 -2.23 8.55 4.97
CA ALA A 158 -1.90 7.15 4.65
C ALA A 158 -3.09 6.43 3.99
N ILE A 159 -4.29 6.63 4.56
CA ILE A 159 -5.51 6.01 4.02
C ILE A 159 -5.69 6.49 2.56
N PHE A 160 -5.55 7.79 2.35
CA PHE A 160 -5.64 8.37 1.04
C PHE A 160 -4.72 7.64 0.05
N GLN A 161 -3.48 7.41 0.45
CA GLN A 161 -2.53 6.75 -0.43
C GLN A 161 -2.93 5.29 -0.76
N CYS A 162 -3.47 4.62 0.22
CA CYS A 162 -3.93 3.24 0.08
C CYS A 162 -5.15 3.08 -0.84
N LEU A 163 -6.00 4.07 -0.91
CA LEU A 163 -7.18 4.04 -1.78
C LEU A 163 -6.86 4.28 -3.26
N PRO A 164 -7.71 3.75 -4.13
CA PRO A 164 -7.60 3.95 -5.57
C PRO A 164 -7.87 5.34 -5.96
N GLN A 165 -7.36 5.66 -7.13
CA GLN A 165 -7.41 7.00 -7.61
C GLN A 165 -8.83 7.55 -7.71
N THR A 166 -9.80 6.80 -8.22
CA THR A 166 -11.14 7.36 -8.43
C THR A 166 -11.70 7.82 -7.10
N VAL A 167 -11.39 7.13 -6.00
CA VAL A 167 -11.79 7.53 -4.62
C VAL A 167 -11.03 8.77 -4.13
N GLN A 168 -9.72 8.73 -4.27
CA GLN A 168 -8.87 9.89 -4.04
C GLN A 168 -9.44 11.21 -4.59
N GLY A 169 -9.96 11.19 -5.81
CA GLY A 169 -10.59 12.38 -6.43
C GLY A 169 -12.03 12.68 -6.06
N ASN A 170 -12.63 11.91 -5.17
CA ASN A 170 -13.96 12.14 -4.71
C ASN A 170 -14.13 12.07 -3.22
N LEU A 171 -13.20 12.60 -2.48
CA LEU A 171 -13.36 12.69 -1.03
C LEU A 171 -14.58 13.48 -0.66
N GLY A 172 -15.10 13.11 0.50
CA GLY A 172 -16.32 13.66 1.00
C GLY A 172 -17.57 12.92 0.55
N ARG A 173 -17.53 12.42 -0.69
CA ARG A 173 -18.69 11.82 -1.35
C ARG A 173 -18.34 10.47 -2.03
N CYS A 174 -17.38 9.73 -1.49
CA CYS A 174 -16.89 8.59 -2.24
C CYS A 174 -17.76 7.33 -2.00
N ASP A 175 -17.91 6.56 -3.07
CA ASP A 175 -18.60 5.30 -3.00
C ASP A 175 -17.58 4.17 -2.82
N LEU A 176 -17.17 4.01 -1.59
CA LEU A 176 -16.23 2.99 -1.21
C LEU A 176 -16.53 1.58 -1.68
N ALA A 177 -17.76 1.10 -1.38
CA ALA A 177 -18.12 -0.26 -1.77
C ALA A 177 -18.11 -0.41 -3.28
N SER A 178 -18.58 0.55 -4.04
CA SER A 178 -18.53 0.36 -5.46
C SER A 178 -17.10 0.33 -5.97
N GLN A 179 -16.08 0.78 -5.21
CA GLN A 179 -14.68 0.65 -5.70
C GLN A 179 -13.88 -0.45 -5.03
N GLY A 180 -14.55 -1.30 -4.28
CA GLY A 180 -13.93 -2.48 -3.83
C GLY A 180 -13.37 -2.36 -2.48
N VAL A 181 -13.73 -1.30 -1.79
CA VAL A 181 -13.17 -1.11 -0.46
C VAL A 181 -14.10 -1.67 0.59
N SER A 182 -13.60 -2.50 1.46
CA SER A 182 -14.37 -3.06 2.53
C SER A 182 -14.15 -2.38 3.82
N HIS A 183 -12.91 -2.07 4.13
CA HIS A 183 -12.58 -1.51 5.43
C HIS A 183 -11.48 -0.50 5.32
N ILE A 184 -11.62 0.64 6.01
CA ILE A 184 -10.52 1.49 6.20
C ILE A 184 -9.99 1.18 7.61
N LEU A 185 -8.70 0.97 7.76
CA LEU A 185 -8.21 0.59 9.05
C LEU A 185 -7.38 1.72 9.54
N LEU A 186 -7.99 2.47 10.44
CA LEU A 186 -7.34 3.57 11.15
C LEU A 186 -6.45 3.03 12.30
N THR A 187 -5.15 3.29 12.20
CA THR A 187 -4.19 2.80 13.18
C THR A 187 -3.76 3.86 14.15
N GLY A 188 -3.32 3.42 15.33
CA GLY A 188 -2.68 4.27 16.33
C GLY A 188 -1.90 3.46 17.37
N SER A 189 -1.00 4.10 18.08
CA SER A 189 -0.10 3.43 18.97
C SER A 189 -0.75 2.85 20.26
N GLY A 190 -1.91 3.37 20.60
CA GLY A 190 -2.53 3.02 21.85
C GLY A 190 -2.10 3.82 23.07
N GLY A 191 -1.17 4.75 22.93
CA GLY A 191 -0.82 5.61 24.04
C GLY A 191 -0.02 4.92 25.13
N PRO A 192 0.33 5.65 26.19
CA PRO A 192 1.16 5.07 27.23
C PRO A 192 0.51 3.94 28.02
N PHE A 193 -0.80 3.84 28.02
CA PHE A 193 -1.42 2.78 28.82
C PHE A 193 -1.96 1.57 28.09
N ARG A 194 -1.45 1.33 26.91
CA ARG A 194 -1.94 0.23 26.08
C ARG A 194 -1.78 -1.13 26.76
N TYR A 195 -0.70 -1.31 27.50
CA TYR A 195 -0.48 -2.57 28.20
C TYR A 195 -0.78 -2.47 29.69
N THR A 196 -1.36 -1.36 30.14
CA THR A 196 -1.58 -1.14 31.56
C THR A 196 -2.91 -1.74 31.95
N ASP A 197 -2.93 -2.42 33.09
CA ASP A 197 -4.13 -3.05 33.58
C ASP A 197 -5.22 -1.97 33.83
N VAL A 198 -6.45 -2.23 33.42
CA VAL A 198 -7.56 -1.23 33.49
C VAL A 198 -7.78 -0.68 34.93
N ALA A 199 -7.85 -1.58 35.91
CA ALA A 199 -7.95 -1.20 37.32
C ALA A 199 -7.03 0.00 37.66
N GLU A 200 -5.79 0.00 37.14
CA GLU A 200 -4.76 1.02 37.47
C GLU A 200 -4.99 2.41 36.89
N LEU A 201 -5.94 2.51 35.96
CA LEU A 201 -6.16 3.79 35.28
C LEU A 201 -6.74 4.84 36.19
N GLU A 202 -7.50 4.41 37.19
CA GLU A 202 -8.10 5.33 38.14
C GLU A 202 -7.02 6.26 38.72
N ALA A 203 -5.87 5.66 39.07
CA ALA A 203 -4.75 6.33 39.79
C ALA A 203 -3.72 7.12 38.95
N VAL A 204 -3.95 7.30 37.67
CA VAL A 204 -2.90 7.81 36.80
C VAL A 204 -2.74 9.33 36.95
N THR A 205 -1.47 9.74 36.98
CA THR A 205 -1.02 11.12 37.13
C THR A 205 -0.65 11.81 35.83
N PRO A 206 -0.92 13.13 35.75
CA PRO A 206 -0.54 13.82 34.51
C PRO A 206 0.92 13.57 34.03
N GLU A 207 1.85 13.60 34.98
CA GLU A 207 3.23 13.12 34.80
C GLU A 207 3.24 11.81 33.98
N GLN A 208 2.47 10.82 34.41
CA GLN A 208 2.37 9.53 33.71
C GLN A 208 1.72 9.62 32.32
N ALA A 209 0.79 10.54 32.19
CA ALA A 209 0.14 10.77 30.92
C ALA A 209 0.89 11.79 30.05
N ILE A 210 2.22 11.87 30.13
CA ILE A 210 2.96 12.85 29.32
C ILE A 210 4.34 12.35 28.80
N ALA A 211 4.77 12.83 27.63
CA ALA A 211 5.99 12.37 26.93
C ALA A 211 6.20 13.13 25.58
N HIS A 212 7.26 12.77 24.84
CA HIS A 212 7.59 13.35 23.51
C HIS A 212 7.23 14.86 23.41
N GLY A 218 3.05 18.69 23.44
CA GLY A 218 1.64 19.05 23.58
C GLY A 218 0.91 18.40 24.77
N PRO A 219 0.58 19.22 25.79
CA PRO A 219 0.00 18.57 27.01
C PRO A 219 -1.41 18.04 26.86
N LYS A 220 -2.30 18.86 26.35
CA LYS A 220 -3.65 18.48 26.08
C LYS A 220 -3.68 17.31 25.12
N ILE A 221 -2.98 17.45 24.02
CA ILE A 221 -2.92 16.40 23.02
C ILE A 221 -2.28 15.16 23.60
N SER A 222 -1.25 15.32 24.40
CA SER A 222 -0.60 14.15 24.94
C SER A 222 -1.63 13.36 25.71
N VAL A 223 -2.50 14.06 26.42
CA VAL A 223 -3.53 13.39 27.16
C VAL A 223 -4.55 12.73 26.27
N ASP A 224 -4.95 13.39 25.19
CA ASP A 224 -5.87 12.73 24.22
C ASP A 224 -5.26 11.44 23.61
N SER A 225 -3.97 11.40 23.45
CA SER A 225 -3.33 10.19 23.00
C SER A 225 -3.43 9.05 24.02
N ALA A 226 -3.40 9.43 25.30
CA ALA A 226 -3.53 8.46 26.41
C ALA A 226 -4.89 7.79 26.50
N THR A 227 -5.92 8.61 26.35
CA THR A 227 -7.27 8.13 26.32
C THR A 227 -7.75 7.68 24.96
N MET A 228 -6.95 7.90 23.92
CA MET A 228 -7.40 7.69 22.52
C MET A 228 -8.57 8.52 22.07
N MET A 229 -8.85 9.59 22.77
CA MET A 229 -9.77 10.58 22.28
C MET A 229 -9.21 11.18 21.00
N ASN A 230 -7.90 11.27 20.91
CA ASN A 230 -7.28 11.75 19.68
C ASN A 230 -7.60 10.83 18.48
N LYS A 231 -7.40 9.52 18.68
CA LYS A 231 -7.92 8.58 17.69
C LYS A 231 -9.39 8.72 17.34
N GLY A 232 -10.21 9.02 18.35
CA GLY A 232 -11.63 9.17 18.09
C GLY A 232 -11.94 10.35 17.19
N LEU A 233 -11.25 11.44 17.48
CA LEU A 233 -11.37 12.60 16.65
C LEU A 233 -10.91 12.31 15.24
N GLU A 234 -9.79 11.60 15.10
CA GLU A 234 -9.40 11.11 13.76
C GLU A 234 -10.43 10.25 13.10
N TYR A 235 -11.13 9.45 13.89
CA TYR A 235 -12.17 8.61 13.33
C TYR A 235 -13.29 9.43 12.72
N ILE A 236 -13.71 10.43 13.46
CA ILE A 236 -14.76 11.29 13.01
C ILE A 236 -14.38 11.95 11.69
N GLU A 237 -13.15 12.49 11.65
CA GLU A 237 -12.66 13.13 10.41
C GLU A 237 -12.58 12.17 9.20
N ALA A 238 -12.12 10.96 9.50
CA ALA A 238 -12.08 9.89 8.52
C ALA A 238 -13.43 9.57 7.95
N LYS A 239 -14.43 9.51 8.82
CA LYS A 239 -15.75 9.26 8.31
C LYS A 239 -16.15 10.34 7.25
N TRP A 240 -15.82 11.62 7.49
CA TRP A 240 -16.27 12.64 6.55
C TRP A 240 -15.36 12.62 5.34
N LEU A 241 -14.09 12.45 5.57
CA LEU A 241 -13.19 12.49 4.39
C LEU A 241 -13.47 11.38 3.39
N PHE A 242 -13.79 10.22 3.93
CA PHE A 242 -13.96 9.04 3.10
C PHE A 242 -15.37 8.49 3.00
N ASN A 243 -16.34 9.24 3.56
CA ASN A 243 -17.74 8.88 3.42
C ASN A 243 -18.02 7.42 3.83
N ALA A 244 -17.61 7.11 5.05
CA ALA A 244 -17.48 5.76 5.58
C ALA A 244 -18.56 5.47 6.61
N SER A 245 -19.24 4.35 6.49
CA SER A 245 -20.10 3.88 7.56
C SER A 245 -19.27 3.31 8.72
N ARG A 246 -19.93 3.02 9.80
CA ARG A 246 -19.27 2.47 10.99
C ARG A 246 -18.62 1.12 10.71
N ASP A 247 -19.19 0.41 9.74
CA ASP A 247 -18.78 -0.90 9.42
C ASP A 247 -17.58 -0.93 8.52
N GLN A 248 -17.51 0.08 7.63
CA GLN A 248 -16.41 0.34 6.72
C GLN A 248 -15.17 0.94 7.47
N LEU A 249 -15.22 1.17 8.78
CA LEU A 249 -14.19 2.02 9.42
C LEU A 249 -13.83 1.46 10.75
N LYS A 250 -12.64 0.99 10.91
CA LYS A 250 -12.27 0.24 12.11
C LYS A 250 -10.95 0.77 12.66
N VAL A 251 -10.71 0.56 13.92
CA VAL A 251 -9.54 1.04 14.54
C VAL A 251 -8.67 -0.16 14.95
N ILE A 252 -7.39 -0.14 14.59
CA ILE A 252 -6.44 -1.16 15.00
C ILE A 252 -5.34 -0.51 15.79
N ILE A 253 -4.95 -1.09 16.90
CA ILE A 253 -3.77 -0.61 17.57
C ILE A 253 -2.49 -1.22 16.98
N HIS A 254 -1.52 -0.35 16.68
CA HIS A 254 -0.28 -0.69 16.10
C HIS A 254 0.77 0.06 16.91
N PRO A 255 1.29 -0.59 17.92
CA PRO A 255 2.11 0.14 18.85
C PRO A 255 3.33 0.85 18.30
N GLN A 256 3.95 0.32 17.23
CA GLN A 256 5.22 0.90 16.79
C GLN A 256 5.05 2.11 15.89
N SER A 257 3.84 2.33 15.38
CA SER A 257 3.54 3.43 14.45
C SER A 257 4.44 3.57 13.21
N VAL A 258 4.95 2.46 12.71
CA VAL A 258 5.62 2.39 11.39
C VAL A 258 4.59 2.40 10.27
N ILE A 259 3.62 1.46 10.35
CA ILE A 259 2.41 1.56 9.54
C ILE A 259 1.57 2.77 9.96
N HIS A 260 1.15 3.61 9.00
CA HIS A 260 0.38 4.76 9.45
C HIS A 260 -1.13 4.64 9.30
N SER A 261 -1.60 3.64 8.53
CA SER A 261 -3.02 3.22 8.45
C SER A 261 -3.12 2.39 7.20
N MET A 262 -4.27 1.72 6.99
CA MET A 262 -4.38 0.74 5.90
C MET A 262 -5.81 0.71 5.31
N VAL A 263 -5.92 0.07 4.16
CA VAL A 263 -7.15 -0.16 3.50
C VAL A 263 -7.24 -1.60 3.08
N GLN A 264 -8.40 -2.21 3.42
CA GLN A 264 -8.74 -3.59 3.15
C GLN A 264 -9.67 -3.60 1.98
N TYR A 265 -9.30 -4.33 0.94
CA TYR A 265 -10.10 -4.49 -0.27
C TYR A 265 -10.89 -5.84 -0.27
N LEU A 266 -11.87 -5.85 -1.17
CA LEU A 266 -12.92 -6.92 -1.35
C LEU A 266 -12.38 -8.28 -1.66
N ASP A 267 -11.22 -8.28 -2.34
CA ASP A 267 -10.58 -9.47 -2.84
C ASP A 267 -9.62 -10.03 -1.86
N GLY A 268 -9.60 -9.47 -0.66
CA GLY A 268 -8.65 -9.86 0.38
C GLY A 268 -7.39 -9.05 0.51
N SER A 269 -7.06 -8.28 -0.51
CA SER A 269 -5.86 -7.48 -0.51
C SER A 269 -5.92 -6.32 0.54
N VAL A 270 -4.83 -6.10 1.28
CA VAL A 270 -4.65 -4.92 2.09
C VAL A 270 -3.49 -4.06 1.58
N LEU A 271 -3.72 -2.76 1.47
CA LEU A 271 -2.61 -1.79 1.23
C LEU A 271 -2.31 -1.01 2.48
N ALA A 272 -1.04 -0.88 2.81
CA ALA A 272 -0.63 -0.09 4.00
C ALA A 272 0.41 0.89 3.62
N GLN A 273 0.41 2.07 4.27
CA GLN A 273 1.40 3.07 4.07
C GLN A 273 2.30 3.11 5.29
N MET A 274 3.62 3.16 5.04
CA MET A 274 4.56 3.19 6.15
C MET A 274 5.62 4.23 5.86
N GLY A 275 6.38 4.62 6.89
CA GLY A 275 7.47 5.60 6.65
C GLY A 275 8.18 6.06 7.90
N GLU A 276 9.24 6.78 7.71
CA GLU A 276 9.92 7.44 8.80
C GLU A 276 8.95 8.40 9.43
N PRO A 277 9.05 8.64 10.74
CA PRO A 277 8.05 9.54 11.35
C PRO A 277 8.36 11.03 11.11
N ASP A 278 7.98 11.57 9.95
CA ASP A 278 8.26 12.92 9.67
C ASP A 278 7.04 13.38 8.89
N MET A 279 6.42 14.48 9.32
CA MET A 279 5.22 15.02 8.66
C MET A 279 5.49 15.60 7.29
N ALA A 280 6.77 15.69 6.96
CA ALA A 280 7.07 16.21 5.64
C ALA A 280 6.60 15.25 4.53
N THR A 281 6.65 13.92 4.82
CA THR A 281 6.15 12.96 3.79
C THR A 281 4.68 13.24 3.43
N PRO A 282 3.74 13.20 4.38
CA PRO A 282 2.35 13.44 3.98
C PRO A 282 2.16 14.79 3.46
N ILE A 283 2.75 15.78 4.10
CA ILE A 283 2.59 17.15 3.55
C ILE A 283 3.02 17.27 2.13
N ALA A 284 4.14 16.64 1.85
CA ALA A 284 4.66 16.69 0.47
C ALA A 284 3.67 16.23 -0.54
N LEU A 285 3.01 15.10 -0.23
CA LEU A 285 1.93 14.60 -1.18
C LEU A 285 0.80 15.58 -1.27
N THR A 286 0.40 16.24 -0.17
CA THR A 286 -0.66 17.17 -0.27
C THR A 286 -0.24 18.29 -1.17
N LEU A 287 1.03 18.65 -1.12
CA LEU A 287 1.54 19.67 -2.09
C LEU A 287 1.59 19.21 -3.52
N SER A 288 2.04 17.99 -3.76
CA SER A 288 2.42 17.50 -5.08
C SER A 288 1.32 16.71 -5.84
N TYR A 289 0.32 16.24 -5.13
CA TYR A 289 -0.75 15.36 -5.67
C TYR A 289 -1.25 15.87 -6.99
N PRO A 290 -1.26 15.05 -8.06
CA PRO A 290 -0.99 13.57 -8.07
C PRO A 290 0.42 13.14 -8.36
N GLU A 291 1.32 14.10 -8.46
CA GLU A 291 2.74 13.81 -8.65
C GLU A 291 3.40 13.65 -7.28
N ARG A 292 4.69 13.33 -7.27
CA ARG A 292 5.47 13.15 -6.09
C ARG A 292 6.72 14.10 -6.18
N VAL A 293 7.22 14.54 -5.00
CA VAL A 293 8.37 15.36 -4.89
C VAL A 293 9.30 14.98 -3.74
N LYS A 294 10.56 15.40 -3.76
CA LYS A 294 11.43 15.15 -2.65
C LYS A 294 10.89 15.88 -1.39
N ALA A 295 11.08 15.30 -0.21
CA ALA A 295 10.59 15.87 0.99
C ALA A 295 11.60 16.03 2.08
N GLY A 296 12.81 15.68 1.80
CA GLY A 296 13.83 15.79 2.78
C GLY A 296 13.64 14.76 3.85
N VAL A 297 13.02 13.66 3.53
CA VAL A 297 12.87 12.53 4.42
C VAL A 297 13.62 11.37 3.73
N LYS A 298 14.41 10.70 4.54
CA LYS A 298 15.06 9.51 4.13
C LYS A 298 14.10 8.29 3.84
N PRO A 299 14.53 7.38 2.97
CA PRO A 299 13.75 6.15 2.79
C PRO A 299 13.69 5.36 4.08
N LEU A 300 12.69 4.50 4.23
CA LEU A 300 12.47 3.87 5.51
C LEU A 300 13.58 2.85 5.76
N ASP A 301 14.14 2.80 6.97
CA ASP A 301 15.19 1.86 7.23
C ASP A 301 14.69 0.58 7.85
N PHE A 302 14.61 -0.49 7.08
CA PHE A 302 14.09 -1.76 7.67
C PHE A 302 15.04 -2.43 8.72
N THR A 303 16.31 -2.05 8.71
CA THR A 303 17.21 -2.38 9.78
C THR A 303 16.71 -1.93 11.15
N GLN A 304 16.10 -0.76 11.23
CA GLN A 304 15.73 -0.17 12.49
C GLN A 304 14.28 -0.31 12.91
N VAL A 305 13.47 -0.97 12.13
CA VAL A 305 11.99 -0.89 12.34
C VAL A 305 11.58 -1.70 13.56
N GLY A 306 12.32 -2.76 13.89
CA GLY A 306 11.94 -3.64 14.97
C GLY A 306 10.79 -4.51 14.49
N GLU A 307 10.09 -5.09 15.43
CA GLU A 307 8.91 -5.88 15.14
C GLU A 307 7.63 -5.04 15.00
N LEU A 308 6.74 -5.37 14.09
CA LEU A 308 5.46 -4.67 13.98
C LEU A 308 4.41 -5.58 14.54
N THR A 309 3.55 -5.06 15.40
CA THR A 309 2.48 -5.88 15.98
C THR A 309 1.18 -5.10 16.00
N PHE A 310 0.12 -5.75 16.41
CA PHE A 310 -1.22 -5.24 16.30
C PHE A 310 -2.10 -5.77 17.43
N LEU A 311 -3.08 -4.97 17.81
CA LEU A 311 -3.98 -5.30 18.92
C LEU A 311 -5.37 -4.78 18.51
N GLN A 312 -6.42 -5.48 18.86
CA GLN A 312 -7.80 -4.95 18.77
C GLN A 312 -8.00 -4.07 20.00
N PRO A 313 -8.48 -2.83 19.82
CA PRO A 313 -8.57 -2.00 21.01
C PRO A 313 -9.63 -2.55 21.98
N ASP A 314 -9.43 -2.34 23.27
CA ASP A 314 -10.45 -2.57 24.25
C ASP A 314 -11.14 -1.26 24.64
N PHE A 315 -12.45 -1.15 24.47
CA PHE A 315 -13.21 0.05 24.94
C PHE A 315 -13.32 0.29 26.47
N GLU A 316 -13.14 -0.74 27.26
CA GLU A 316 -13.01 -0.52 28.72
C GLU A 316 -11.72 0.24 29.05
N ARG A 317 -10.68 -0.01 28.25
CA ARG A 317 -9.40 0.69 28.37
C ARG A 317 -9.57 2.07 27.75
N TYR A 318 -10.40 2.21 26.73
CA TYR A 318 -10.48 3.51 25.99
C TYR A 318 -11.91 3.95 25.76
N PRO A 319 -12.60 4.30 26.83
CA PRO A 319 -14.03 4.61 26.63
C PRO A 319 -14.25 5.87 25.81
N CYS A 320 -13.27 6.77 25.83
CA CYS A 320 -13.36 7.94 24.97
C CYS A 320 -13.50 7.65 23.46
N LEU A 321 -12.83 6.57 23.05
CA LEU A 321 -12.89 6.14 21.67
C LEU A 321 -14.30 5.68 21.28
N ALA A 322 -14.93 4.91 22.19
CA ALA A 322 -16.31 4.47 21.99
C ALA A 322 -17.25 5.65 21.93
N LEU A 323 -17.03 6.57 22.83
CA LEU A 323 -17.83 7.78 22.79
C LEU A 323 -17.74 8.50 21.48
N ALA A 324 -16.50 8.60 20.99
CA ALA A 324 -16.26 9.31 19.76
C ALA A 324 -16.89 8.60 18.61
N ILE A 325 -16.72 7.29 18.59
CA ILE A 325 -17.30 6.49 17.54
C ILE A 325 -18.81 6.60 17.59
N GLU A 326 -19.39 6.54 18.78
CA GLU A 326 -20.82 6.67 18.90
C GLU A 326 -21.23 8.04 18.44
N ALA A 327 -20.50 9.00 18.93
CA ALA A 327 -20.78 10.39 18.65
C ALA A 327 -20.70 10.66 17.17
N CYS A 328 -19.73 10.01 16.52
CA CYS A 328 -19.53 10.23 15.13
C CYS A 328 -20.76 9.94 14.30
N TYR A 329 -21.39 8.83 14.57
CA TYR A 329 -22.62 8.48 13.82
C TYR A 329 -23.89 9.21 14.22
N LEU A 330 -23.94 9.74 15.42
CA LEU A 330 -25.08 10.56 15.84
C LEU A 330 -25.16 11.85 15.04
N GLY A 331 -24.02 12.50 14.81
CA GLY A 331 -23.98 13.75 14.02
C GLY A 331 -23.10 14.88 14.58
N GLN A 332 -23.16 16.00 13.91
CA GLN A 332 -22.32 17.16 14.28
C GLN A 332 -22.54 17.68 15.69
N HIS A 333 -23.80 17.71 16.10
CA HIS A 333 -24.11 18.26 17.41
C HIS A 333 -23.38 17.40 18.45
N ALA A 334 -23.36 16.09 18.21
CA ALA A 334 -22.69 15.21 19.16
C ALA A 334 -21.13 15.31 19.12
N THR A 335 -20.59 15.42 17.93
CA THR A 335 -19.16 15.52 17.78
C THR A 335 -18.77 16.86 18.42
N THR A 336 -19.50 17.92 18.04
CA THR A 336 -19.21 19.25 18.60
C THR A 336 -19.25 19.19 20.10
N THR A 337 -20.26 18.54 20.62
CA THR A 337 -20.41 18.48 22.06
C THR A 337 -19.26 17.75 22.80
N LEU A 338 -18.93 16.58 22.25
CA LEU A 338 -17.92 15.74 22.84
C LEU A 338 -16.54 16.43 22.91
N ASN A 339 -16.20 17.11 21.83
CA ASN A 339 -14.89 17.75 21.71
C ASN A 339 -14.75 18.92 22.72
N ALA A 340 -15.79 19.71 22.77
CA ALA A 340 -15.93 20.77 23.79
C ALA A 340 -15.76 20.24 25.25
N ALA A 341 -16.54 19.23 25.57
CA ALA A 341 -16.46 18.64 26.90
C ALA A 341 -15.06 18.12 27.27
N ASN A 342 -14.39 17.54 26.26
CA ASN A 342 -13.13 16.85 26.45
C ASN A 342 -12.02 17.87 26.74
N GLU A 343 -12.09 19.02 26.11
CA GLU A 343 -11.15 20.12 26.44
C GLU A 343 -11.21 20.47 27.93
N VAL A 344 -12.41 20.69 28.41
CA VAL A 344 -12.55 20.95 29.82
C VAL A 344 -12.06 19.83 30.75
N ALA A 345 -12.43 18.60 30.44
CA ALA A 345 -12.08 17.49 31.31
C ALA A 345 -10.56 17.29 31.38
N VAL A 346 -9.89 17.52 30.25
CA VAL A 346 -8.45 17.32 30.19
C VAL A 346 -7.76 18.39 31.03
N ALA A 347 -8.12 19.64 30.77
CA ALA A 347 -7.67 20.75 31.61
C ALA A 347 -7.92 20.40 33.10
N ALA A 348 -9.13 19.97 33.40
CA ALA A 348 -9.49 19.58 34.76
C ALA A 348 -8.50 18.55 35.32
N PHE A 349 -8.21 17.54 34.52
CA PHE A 349 -7.33 16.45 34.94
C PHE A 349 -5.91 16.96 35.18
N LEU A 350 -5.48 17.85 34.29
CA LEU A 350 -4.17 18.46 34.40
C LEU A 350 -4.07 19.31 35.68
N ALA A 351 -5.17 20.01 35.98
CA ALA A 351 -5.30 20.73 37.23
C ALA A 351 -5.29 19.82 38.46
N ARG A 352 -5.35 18.50 38.29
CA ARG A 352 -5.39 17.55 39.42
C ARG A 352 -6.76 17.50 40.15
N GLN A 353 -7.71 18.23 39.60
CA GLN A 353 -9.02 18.31 40.16
C GLN A 353 -9.75 16.97 40.01
N ILE A 354 -9.54 16.29 38.88
CA ILE A 354 -10.16 14.98 38.61
C ILE A 354 -9.09 13.91 38.33
N LYS A 355 -9.51 12.67 38.46
CA LYS A 355 -8.70 11.50 38.17
C LYS A 355 -8.68 11.25 36.64
N PHE A 356 -7.72 10.49 36.16
CA PHE A 356 -7.59 10.21 34.72
C PHE A 356 -8.89 9.61 34.08
N THR A 357 -9.39 8.54 34.70
CA THR A 357 -10.64 7.88 34.32
C THR A 357 -11.91 8.74 34.41
N ASP A 358 -11.83 9.86 35.11
CA ASP A 358 -12.93 10.82 35.16
C ASP A 358 -13.13 11.55 33.86
N ILE A 359 -12.11 11.56 33.00
CA ILE A 359 -12.18 12.31 31.76
C ILE A 359 -13.36 11.78 30.94
N ALA A 360 -13.38 10.48 30.77
CA ALA A 360 -14.49 9.86 30.06
C ALA A 360 -15.89 10.05 30.72
N ARG A 361 -15.95 10.06 32.04
CA ARG A 361 -17.27 10.26 32.75
C ARG A 361 -17.88 11.62 32.44
N VAL A 362 -17.05 12.62 32.48
CA VAL A 362 -17.48 13.94 32.15
C VAL A 362 -18.03 13.99 30.74
N ASN A 363 -17.24 13.40 29.85
CA ASN A 363 -17.61 13.40 28.46
C ASN A 363 -18.96 12.77 28.26
N ASP A 364 -19.09 11.62 28.88
CA ASP A 364 -20.29 10.86 28.76
C ASP A 364 -21.52 11.67 29.31
N SER A 365 -21.36 12.28 30.47
CA SER A 365 -22.49 13.05 31.04
C SER A 365 -22.94 14.17 30.13
N VAL A 366 -21.96 14.90 29.63
CA VAL A 366 -22.29 16.12 28.91
C VAL A 366 -22.99 15.71 27.65
N LEU A 367 -22.42 14.67 27.08
CA LEU A 367 -22.88 14.14 25.85
C LEU A 367 -24.35 13.77 26.01
N ASN A 368 -24.62 13.04 27.07
CA ASN A 368 -25.97 12.59 27.31
C ASN A 368 -26.98 13.69 27.46
N GLN A 369 -26.68 14.67 28.30
CA GLN A 369 -27.61 15.79 28.51
C GLN A 369 -27.95 16.49 27.17
N VAL A 370 -26.94 16.83 26.39
CA VAL A 370 -27.19 17.54 25.14
C VAL A 370 -28.01 16.66 24.16
N CYS A 371 -27.67 15.38 24.15
CA CYS A 371 -28.27 14.47 23.21
C CYS A 371 -29.71 14.15 23.53
N LYS A 372 -30.04 14.10 24.81
CA LYS A 372 -31.42 13.81 25.19
C LYS A 372 -32.38 14.68 24.39
N GLN A 373 -31.95 15.90 24.10
CA GLN A 373 -32.76 16.84 23.33
C GLN A 373 -33.41 16.20 22.13
N LEU A 379 -31.35 24.68 10.61
CA LEU A 379 -30.16 24.38 9.82
C LEU A 379 -28.88 24.80 10.60
N ASP A 380 -27.73 24.24 10.23
CA ASP A 380 -26.45 24.44 10.97
C ASP A 380 -25.45 25.52 10.37
N SER A 381 -24.76 26.24 11.27
CA SER A 381 -23.79 27.31 10.94
C SER A 381 -22.56 27.18 11.87
N LEU A 382 -21.42 27.69 11.39
CA LEU A 382 -20.22 27.77 12.25
C LEU A 382 -20.54 28.43 13.61
N GLU A 383 -21.31 29.50 13.56
CA GLU A 383 -21.67 30.17 14.77
C GLU A 383 -22.59 29.29 15.66
N SER A 384 -23.66 28.72 15.11
CA SER A 384 -24.57 27.85 15.91
C SER A 384 -23.70 26.84 16.68
N LEU A 385 -22.72 26.27 15.95
CA LEU A 385 -21.86 25.21 16.48
C LEU A 385 -20.85 25.69 17.52
N LEU A 386 -20.33 26.90 17.32
CA LEU A 386 -19.50 27.52 18.34
C LEU A 386 -20.28 27.80 19.65
N GLU A 387 -21.53 28.26 19.51
CA GLU A 387 -22.35 28.55 20.69
C GLU A 387 -22.57 27.24 21.45
N LEU A 388 -22.77 26.20 20.65
CA LEU A 388 -22.98 24.85 21.18
C LEU A 388 -21.74 24.43 21.94
N ASP A 389 -20.62 24.76 21.37
CA ASP A 389 -19.33 24.46 21.97
C ASP A 389 -19.26 25.13 23.34
N ARG A 390 -19.67 26.40 23.38
CA ARG A 390 -19.74 27.15 24.65
C ARG A 390 -20.67 26.49 25.66
N MET A 391 -21.85 26.07 25.21
CA MET A 391 -22.81 25.48 26.13
C MET A 391 -22.16 24.25 26.68
N ALA A 392 -21.52 23.48 25.78
CA ALA A 392 -20.96 22.22 26.18
C ALA A 392 -19.87 22.40 27.22
N ARG A 393 -19.02 23.40 27.01
CA ARG A 393 -17.98 23.72 28.02
C ARG A 393 -18.55 24.14 29.42
N THR A 394 -19.58 24.97 29.44
CA THR A 394 -20.22 25.31 30.69
C THR A 394 -20.71 24.02 31.38
N LEU A 395 -21.40 23.16 30.63
CA LEU A 395 -22.00 21.94 31.22
C LEU A 395 -20.91 21.12 31.83
N ALA A 396 -19.82 21.09 31.11
CA ALA A 396 -18.64 20.38 31.54
C ALA A 396 -18.03 20.96 32.81
N ASP A 397 -17.92 22.29 32.88
CA ASP A 397 -17.52 23.03 34.09
C ASP A 397 -18.38 22.65 35.33
N GLU A 398 -19.70 22.55 35.16
CA GLU A 398 -20.61 22.17 36.28
C GLU A 398 -20.11 20.82 36.72
N VAL A 399 -20.02 19.90 35.76
CA VAL A 399 -19.81 18.48 36.05
C VAL A 399 -18.51 18.27 36.83
N VAL A 400 -17.55 19.17 36.64
CA VAL A 400 -16.22 19.04 37.29
C VAL A 400 -16.19 19.35 38.81
N ARG A 401 -16.43 20.61 39.17
CA ARG A 401 -16.35 21.04 40.57
C ARG A 401 -17.08 20.02 41.48
N GLU A 402 -18.10 19.37 40.94
CA GLU A 402 -18.87 18.32 41.66
C GLU A 402 -18.11 17.02 41.98
N ARG A 403 -16.98 16.79 41.30
CA ARG A 403 -16.04 15.72 41.57
C ARG A 403 -14.77 16.21 42.28
N GLY B 3 -18.44 -5.15 -19.43
CA GLY B 3 -19.21 -6.31 -19.99
C GLY B 3 -18.55 -7.65 -19.69
N MET B 4 -19.13 -8.68 -20.26
CA MET B 4 -18.72 -10.06 -19.94
C MET B 4 -17.29 -10.35 -20.43
N GLN B 5 -16.44 -10.92 -19.57
CA GLN B 5 -15.04 -11.19 -19.91
C GLN B 5 -14.80 -12.65 -20.28
N LYS B 6 -14.16 -12.89 -21.41
CA LYS B 6 -13.98 -14.23 -21.92
C LYS B 6 -12.60 -14.71 -21.60
N LEU B 7 -12.49 -15.86 -21.00
CA LEU B 7 -11.23 -16.41 -20.64
C LEU B 7 -10.85 -17.70 -21.30
N THR B 8 -9.58 -17.89 -21.54
CA THR B 8 -9.00 -19.19 -21.79
C THR B 8 -8.11 -19.47 -20.62
N ILE B 9 -8.11 -20.69 -20.09
CA ILE B 9 -7.20 -21.01 -19.01
C ILE B 9 -6.20 -22.06 -19.43
N LEU B 10 -4.95 -21.65 -19.62
CA LEU B 10 -3.89 -22.64 -19.90
C LEU B 10 -3.44 -23.21 -18.56
N GLY B 11 -3.38 -24.52 -18.35
CA GLY B 11 -2.98 -25.06 -17.03
C GLY B 11 -4.16 -25.02 -16.08
N ALA B 12 -5.29 -25.60 -16.48
CA ALA B 12 -6.49 -25.61 -15.66
C ALA B 12 -6.56 -26.60 -14.52
N THR B 13 -5.75 -27.64 -14.51
CA THR B 13 -5.87 -28.73 -13.50
C THR B 13 -4.92 -28.58 -12.31
N GLY B 14 -4.06 -27.55 -12.33
CA GLY B 14 -3.23 -27.19 -11.14
C GLY B 14 -3.87 -26.24 -10.15
N SER B 15 -3.10 -25.83 -9.16
CA SER B 15 -3.67 -24.94 -8.15
C SER B 15 -3.92 -23.51 -8.63
N ILE B 16 -3.11 -23.04 -9.56
CA ILE B 16 -3.39 -21.70 -10.12
C ILE B 16 -4.71 -21.78 -10.84
N GLY B 17 -4.92 -22.84 -11.54
CA GLY B 17 -6.22 -23.04 -12.27
C GLY B 17 -7.39 -23.15 -11.32
N ALA B 18 -7.21 -23.87 -10.24
CA ALA B 18 -8.28 -23.99 -9.26
C ALA B 18 -8.60 -22.64 -8.63
N SER B 19 -7.57 -21.87 -8.30
CA SER B 19 -7.78 -20.56 -7.69
C SER B 19 -8.51 -19.64 -8.64
N THR B 20 -8.12 -19.72 -9.92
CA THR B 20 -8.75 -18.85 -10.92
C THR B 20 -10.22 -19.19 -11.03
N LEU B 21 -10.54 -20.47 -11.00
CA LEU B 21 -11.93 -20.88 -11.16
C LEU B 21 -12.76 -20.54 -9.92
N LYS B 22 -12.10 -20.51 -8.76
CA LYS B 22 -12.78 -20.10 -7.56
C LYS B 22 -13.23 -18.65 -7.68
N VAL B 23 -12.38 -17.80 -8.21
CA VAL B 23 -12.75 -16.42 -8.36
C VAL B 23 -13.87 -16.34 -9.35
N ILE B 24 -13.76 -17.13 -10.40
CA ILE B 24 -14.81 -17.09 -11.45
C ILE B 24 -16.16 -17.52 -10.89
N GLU B 25 -16.15 -18.56 -10.07
CA GLU B 25 -17.35 -19.07 -9.43
C GLU B 25 -17.96 -18.00 -8.58
N GLN B 26 -17.15 -17.21 -7.91
CA GLN B 26 -17.66 -16.11 -7.08
C GLN B 26 -18.29 -14.96 -7.88
N ASN B 27 -17.98 -14.83 -9.16
CA ASN B 27 -18.49 -13.76 -9.98
C ASN B 27 -19.05 -14.27 -11.30
N PRO B 28 -20.21 -14.92 -11.24
CA PRO B 28 -20.82 -15.49 -12.45
C PRO B 28 -21.19 -14.52 -13.56
N ASP B 29 -21.73 -13.37 -13.25
CA ASP B 29 -22.07 -12.41 -14.32
C ASP B 29 -20.85 -11.85 -15.06
N LYS B 30 -19.80 -11.58 -14.31
CA LYS B 30 -18.57 -11.01 -14.85
C LYS B 30 -17.67 -11.86 -15.73
N PHE B 31 -17.48 -13.12 -15.39
CA PHE B 31 -16.54 -13.95 -16.16
C PHE B 31 -17.15 -15.20 -16.80
N SER B 32 -16.50 -15.68 -17.84
CA SER B 32 -17.04 -16.71 -18.65
C SER B 32 -15.91 -17.52 -19.22
N VAL B 33 -15.93 -18.82 -18.98
CA VAL B 33 -14.84 -19.68 -19.43
C VAL B 33 -15.10 -20.22 -20.85
N VAL B 34 -14.32 -19.80 -21.82
CA VAL B 34 -14.41 -20.25 -23.17
C VAL B 34 -13.58 -21.49 -23.37
N ALA B 35 -12.37 -21.52 -22.77
CA ALA B 35 -11.55 -22.71 -22.99
C ALA B 35 -10.76 -23.13 -21.81
N LEU B 36 -10.49 -24.41 -21.71
CA LEU B 36 -9.67 -24.95 -20.66
C LEU B 36 -8.68 -25.82 -21.29
N ALA B 37 -7.46 -25.77 -20.77
CA ALA B 37 -6.38 -26.55 -21.35
C ALA B 37 -5.54 -27.15 -20.25
N ALA B 38 -5.04 -28.34 -20.47
CA ALA B 38 -4.21 -29.02 -19.49
C ALA B 38 -3.25 -29.96 -20.19
N ASP B 39 -2.57 -30.81 -19.45
CA ASP B 39 -1.53 -31.67 -20.02
C ASP B 39 -2.10 -33.06 -20.36
N SER B 40 -2.17 -33.92 -19.34
CA SER B 40 -2.54 -35.30 -19.48
C SER B 40 -3.41 -35.83 -18.35
N ASN B 41 -3.95 -34.93 -17.49
CA ASN B 41 -4.86 -35.37 -16.47
C ASN B 41 -6.30 -35.36 -16.91
N VAL B 42 -6.69 -36.43 -17.54
CA VAL B 42 -7.99 -36.55 -18.13
C VAL B 42 -9.11 -36.55 -17.11
N GLU B 43 -8.90 -37.27 -16.01
CA GLU B 43 -9.95 -37.41 -14.96
C GLU B 43 -10.30 -36.02 -14.41
N LYS B 44 -9.28 -35.22 -14.16
CA LYS B 44 -9.51 -33.92 -13.60
C LYS B 44 -10.13 -33.03 -14.65
N MET B 45 -9.67 -33.16 -15.89
CA MET B 45 -10.22 -32.33 -16.96
C MET B 45 -11.67 -32.63 -17.21
N GLN B 46 -12.02 -33.90 -17.22
CA GLN B 46 -13.39 -34.22 -17.54
C GLN B 46 -14.31 -33.68 -16.48
N GLN B 47 -13.86 -33.78 -15.26
CA GLN B 47 -14.63 -33.24 -14.13
C GLN B 47 -14.81 -31.68 -14.26
N LEU B 48 -13.72 -30.97 -14.60
CA LEU B 48 -13.81 -29.55 -14.87
C LEU B 48 -14.69 -29.20 -16.06
N CYS B 49 -14.57 -29.96 -17.14
CA CYS B 49 -15.47 -29.77 -18.30
C CYS B 49 -16.93 -30.11 -18.03
N GLN B 50 -17.18 -31.07 -17.15
CA GLN B 50 -18.55 -31.28 -16.78
C GLN B 50 -19.11 -30.07 -16.06
N ARG B 51 -18.34 -29.54 -15.11
CA ARG B 51 -18.79 -28.39 -14.27
C ARG B 51 -18.87 -27.14 -15.16
N TRP B 52 -17.89 -26.92 -16.01
CA TRP B 52 -17.80 -25.65 -16.71
C TRP B 52 -18.33 -25.70 -18.12
N GLN B 53 -18.50 -26.87 -18.74
CA GLN B 53 -19.04 -26.90 -20.15
C GLN B 53 -18.39 -25.84 -21.10
N PRO B 54 -17.05 -25.86 -21.21
CA PRO B 54 -16.48 -24.89 -22.09
C PRO B 54 -16.69 -25.27 -23.53
N GLU B 55 -16.57 -24.25 -24.35
CA GLU B 55 -16.63 -24.38 -25.78
C GLU B 55 -15.43 -25.16 -26.29
N TYR B 56 -14.26 -24.98 -25.67
CA TYR B 56 -13.09 -25.80 -26.01
C TYR B 56 -12.44 -26.42 -24.81
N ALA B 57 -11.86 -27.59 -25.00
CA ALA B 57 -10.98 -28.19 -24.02
C ALA B 57 -9.80 -28.79 -24.77
N VAL B 58 -8.61 -28.58 -24.24
CA VAL B 58 -7.39 -28.99 -24.90
C VAL B 58 -6.52 -29.78 -23.95
N MET B 59 -5.98 -30.88 -24.43
CA MET B 59 -4.91 -31.56 -23.71
C MET B 59 -3.70 -31.43 -24.59
N ALA B 60 -2.58 -31.11 -23.96
CA ALA B 60 -1.32 -31.01 -24.66
C ALA B 60 -0.99 -32.39 -25.20
N ASN B 61 -1.18 -33.42 -24.39
CA ASN B 61 -0.94 -34.80 -24.80
C ASN B 61 -2.07 -35.34 -25.74
N LYS B 62 -1.71 -35.70 -26.96
CA LYS B 62 -2.72 -36.09 -27.96
C LYS B 62 -3.49 -37.36 -27.61
N GLU B 63 -2.82 -38.30 -26.97
CA GLU B 63 -3.48 -39.54 -26.48
C GLU B 63 -4.51 -39.19 -25.39
N ALA B 64 -4.07 -38.36 -24.44
CA ALA B 64 -4.97 -37.78 -23.44
C ALA B 64 -6.12 -37.03 -24.11
N ALA B 65 -5.86 -36.30 -25.18
CA ALA B 65 -6.95 -35.61 -25.84
C ALA B 65 -8.02 -36.61 -26.38
N LEU B 66 -7.57 -37.73 -26.91
CA LEU B 66 -8.52 -38.75 -27.42
C LEU B 66 -9.42 -39.30 -26.32
N ARG B 67 -8.85 -39.61 -25.18
CA ARG B 67 -9.63 -40.14 -24.08
C ARG B 67 -10.66 -39.12 -23.59
N LEU B 68 -10.24 -37.86 -23.46
CA LEU B 68 -11.13 -36.82 -23.00
C LEU B 68 -12.29 -36.64 -23.97
N LYS B 69 -11.94 -36.67 -25.25
CA LYS B 69 -12.91 -36.51 -26.31
C LYS B 69 -14.03 -37.51 -26.20
N MET B 70 -13.66 -38.74 -25.90
CA MET B 70 -14.67 -39.78 -25.75
C MET B 70 -15.49 -39.59 -24.50
N ALA B 71 -14.80 -39.28 -23.38
CA ALA B 71 -15.46 -38.96 -22.09
C ALA B 71 -16.52 -37.86 -22.23
N LEU B 72 -16.17 -36.83 -22.95
CA LEU B 72 -17.01 -35.63 -23.00
C LEU B 72 -18.14 -35.73 -23.98
N ALA B 73 -18.05 -36.63 -24.94
CA ALA B 73 -19.13 -36.75 -25.94
C ALA B 73 -20.57 -36.76 -25.31
N VAL B 74 -20.75 -37.36 -24.13
CA VAL B 74 -21.96 -37.20 -23.36
C VAL B 74 -21.90 -36.23 -22.20
N LEU B 75 -20.81 -36.25 -21.41
CA LEU B 75 -20.69 -35.35 -20.21
C LEU B 75 -20.71 -33.89 -20.59
N ALA B 76 -20.21 -33.56 -21.78
CA ALA B 76 -20.05 -32.17 -22.26
C ALA B 76 -20.11 -32.19 -23.77
N PRO B 77 -21.33 -32.35 -24.31
CA PRO B 77 -21.51 -32.58 -25.74
C PRO B 77 -21.19 -31.36 -26.61
N ASN B 78 -21.25 -30.18 -26.03
CA ASN B 78 -20.88 -28.93 -26.70
C ASN B 78 -19.45 -28.48 -26.50
N THR B 79 -18.63 -29.29 -25.87
CA THR B 79 -17.21 -29.00 -25.81
C THR B 79 -16.37 -29.63 -26.88
N GLN B 80 -15.77 -28.86 -27.74
CA GLN B 80 -14.89 -29.42 -28.76
C GLN B 80 -13.56 -29.70 -28.13
N VAL B 81 -13.09 -30.92 -28.26
CA VAL B 81 -11.86 -31.33 -27.67
C VAL B 81 -10.77 -31.37 -28.71
N LEU B 82 -9.60 -30.82 -28.35
CA LEU B 82 -8.45 -30.71 -29.23
C LEU B 82 -7.20 -31.18 -28.52
N GLY B 83 -6.15 -31.41 -29.28
CA GLY B 83 -4.90 -31.98 -28.75
C GLY B 83 -3.66 -31.34 -29.32
N GLY B 84 -2.61 -31.27 -28.49
CA GLY B 84 -1.27 -30.86 -28.97
C GLY B 84 -0.95 -29.38 -28.83
N GLN B 85 0.32 -29.09 -29.05
CA GLN B 85 0.80 -27.76 -28.84
C GLN B 85 0.05 -26.70 -29.70
N GLU B 86 -0.24 -27.04 -30.93
CA GLU B 86 -0.94 -26.10 -31.83
C GLU B 86 -2.33 -25.72 -31.33
N ALA B 87 -2.96 -26.63 -30.63
CA ALA B 87 -4.31 -26.41 -30.16
C ALA B 87 -4.25 -25.47 -28.94
N LEU B 88 -3.20 -25.61 -28.14
CA LEU B 88 -3.01 -24.65 -27.05
C LEU B 88 -2.95 -23.22 -27.62
N CYS B 89 -2.22 -23.03 -28.69
CA CYS B 89 -2.10 -21.68 -29.29
C CYS B 89 -3.41 -21.27 -29.83
N TYR B 90 -4.14 -22.25 -30.37
CA TYR B 90 -5.41 -21.94 -30.98
C TYR B 90 -6.36 -21.29 -29.96
N VAL B 91 -6.50 -21.92 -28.79
CA VAL B 91 -7.41 -21.39 -27.73
C VAL B 91 -6.90 -20.13 -27.03
N ALA B 92 -5.59 -20.01 -27.01
CA ALA B 92 -4.96 -18.81 -26.47
C ALA B 92 -5.14 -17.66 -27.42
N THR B 93 -5.58 -17.89 -28.67
CA THR B 93 -5.70 -16.78 -29.64
C THR B 93 -7.07 -16.60 -30.25
N LEU B 94 -8.07 -17.29 -29.72
CA LEU B 94 -9.41 -17.15 -30.22
C LEU B 94 -9.81 -15.68 -30.23
N GLU B 95 -10.62 -15.27 -31.20
CA GLU B 95 -11.04 -13.88 -31.33
C GLU B 95 -11.89 -13.38 -30.16
N GLN B 96 -12.82 -14.18 -29.71
CA GLN B 96 -13.75 -13.81 -28.63
C GLN B 96 -13.16 -13.77 -27.21
N VAL B 97 -11.94 -14.29 -27.06
CA VAL B 97 -11.27 -14.35 -25.77
C VAL B 97 -10.66 -13.01 -25.45
N ASP B 98 -10.98 -12.51 -24.26
CA ASP B 98 -10.45 -11.25 -23.75
C ASP B 98 -9.16 -11.43 -22.95
N SER B 99 -9.12 -12.42 -22.08
CA SER B 99 -7.96 -12.67 -21.24
C SER B 99 -7.53 -14.13 -21.21
N VAL B 100 -6.24 -14.35 -21.05
CA VAL B 100 -5.70 -15.69 -21.00
C VAL B 100 -4.88 -15.93 -19.71
N MET B 101 -5.28 -16.92 -18.91
CA MET B 101 -4.52 -17.24 -17.76
C MET B 101 -3.38 -18.09 -18.27
N ALA B 102 -2.15 -17.58 -18.22
CA ALA B 102 -1.06 -18.35 -18.71
C ALA B 102 -0.40 -19.05 -17.55
N ALA B 103 -0.89 -20.25 -17.25
CA ALA B 103 -0.39 -21.01 -16.10
C ALA B 103 0.21 -22.39 -16.41
N ILE B 104 0.57 -22.64 -17.64
CA ILE B 104 1.29 -23.85 -17.92
C ILE B 104 2.69 -23.49 -17.47
N VAL B 105 3.27 -24.36 -16.68
CA VAL B 105 4.59 -24.10 -16.18
C VAL B 105 5.66 -24.74 -17.00
N GLY B 106 6.89 -24.26 -16.77
CA GLY B 106 8.07 -24.73 -17.45
C GLY B 106 8.16 -24.15 -18.87
N ALA B 107 9.13 -24.67 -19.59
CA ALA B 107 9.35 -24.33 -20.96
C ALA B 107 8.20 -24.67 -21.89
N ALA B 108 7.48 -25.72 -21.54
CA ALA B 108 6.25 -26.04 -22.29
C ALA B 108 5.33 -24.83 -22.48
N GLY B 109 5.28 -23.96 -21.48
CA GLY B 109 4.39 -22.82 -21.50
C GLY B 109 4.76 -21.67 -22.39
N LEU B 110 6.00 -21.64 -22.86
CA LEU B 110 6.45 -20.51 -23.66
C LEU B 110 5.73 -20.19 -24.97
N VAL B 111 5.59 -21.18 -25.85
CA VAL B 111 5.00 -20.90 -27.14
C VAL B 111 3.54 -20.48 -27.04
N PRO B 112 2.77 -21.20 -26.24
CA PRO B 112 1.35 -20.84 -26.08
C PRO B 112 1.21 -19.45 -25.45
N THR B 113 2.03 -19.14 -24.46
CA THR B 113 1.98 -17.83 -23.83
C THR B 113 2.34 -16.72 -24.84
N MET B 114 3.36 -16.99 -25.63
CA MET B 114 3.76 -16.07 -26.66
C MET B 114 2.66 -15.81 -27.68
N ALA B 115 1.94 -16.87 -28.03
CA ALA B 115 0.87 -16.76 -28.99
C ALA B 115 -0.21 -15.80 -28.49
N ALA B 116 -0.56 -15.91 -27.23
CA ALA B 116 -1.56 -15.00 -26.67
C ALA B 116 -1.02 -13.57 -26.73
N VAL B 117 0.25 -13.45 -26.42
CA VAL B 117 0.88 -12.17 -26.52
C VAL B 117 0.77 -11.58 -27.91
N LYS B 118 1.13 -12.37 -28.91
CA LYS B 118 1.04 -11.86 -30.29
C LYS B 118 -0.40 -11.53 -30.71
N ALA B 119 -1.35 -12.20 -30.13
CA ALA B 119 -2.73 -11.93 -30.39
C ALA B 119 -3.22 -10.73 -29.61
N GLY B 120 -2.33 -10.11 -28.87
CA GLY B 120 -2.68 -8.91 -28.13
C GLY B 120 -3.68 -9.06 -27.02
N LYS B 121 -3.68 -10.19 -26.37
CA LYS B 121 -4.63 -10.47 -25.27
C LYS B 121 -4.15 -10.01 -23.89
N ARG B 122 -5.08 -9.83 -22.96
CA ARG B 122 -4.67 -9.67 -21.55
C ARG B 122 -4.01 -10.97 -21.16
N ILE B 123 -2.86 -10.90 -20.53
CA ILE B 123 -2.11 -12.07 -20.18
C ILE B 123 -2.00 -12.12 -18.69
N LEU B 124 -2.57 -13.14 -18.08
CA LEU B 124 -2.52 -13.22 -16.66
C LEU B 124 -1.32 -14.13 -16.50
N LEU B 125 -0.18 -13.51 -16.22
CA LEU B 125 1.04 -14.22 -16.43
C LEU B 125 1.33 -14.97 -15.19
N ALA B 126 1.31 -16.29 -15.29
CA ALA B 126 1.69 -17.19 -14.18
C ALA B 126 2.72 -18.19 -14.55
N ASN B 127 3.41 -18.01 -15.64
CA ASN B 127 4.55 -18.87 -16.05
C ASN B 127 5.86 -18.02 -15.71
N LYS B 128 6.82 -18.59 -14.98
CA LYS B 128 8.08 -17.85 -14.67
C LYS B 128 8.98 -17.70 -15.91
N GLU B 129 9.02 -18.75 -16.67
CA GLU B 129 9.98 -18.85 -17.73
C GLU B 129 9.89 -17.73 -18.76
N ALA B 130 8.72 -17.15 -18.98
CA ALA B 130 8.59 -16.21 -20.07
C ALA B 130 9.55 -15.04 -19.88
N LEU B 131 9.63 -14.54 -18.65
CA LEU B 131 10.53 -13.44 -18.33
C LEU B 131 11.92 -13.88 -17.82
N VAL B 132 12.01 -14.91 -17.00
CA VAL B 132 13.27 -15.53 -16.66
C VAL B 132 14.08 -15.94 -17.86
N MET B 133 13.49 -16.63 -18.79
CA MET B 133 14.30 -17.11 -19.99
C MET B 133 14.37 -16.07 -21.08
N SER B 134 13.31 -15.31 -21.29
CA SER B 134 13.22 -14.49 -22.48
C SER B 134 12.44 -13.19 -22.32
N GLY B 135 12.80 -12.44 -21.26
CA GLY B 135 12.16 -11.16 -20.96
C GLY B 135 12.13 -10.13 -22.08
N GLN B 136 13.28 -9.90 -22.71
CA GLN B 136 13.35 -8.86 -23.77
C GLN B 136 12.37 -9.15 -24.87
N LEU B 137 12.42 -10.38 -25.32
CA LEU B 137 11.53 -10.86 -26.34
C LEU B 137 10.05 -10.67 -25.98
N PHE B 138 9.69 -11.09 -24.76
CA PHE B 138 8.33 -10.93 -24.34
C PHE B 138 7.91 -9.48 -24.32
N ILE B 139 8.76 -8.62 -23.75
CA ILE B 139 8.37 -7.21 -23.62
C ILE B 139 8.20 -6.59 -24.98
N ASP B 140 9.10 -6.95 -25.91
CA ASP B 140 9.03 -6.39 -27.24
C ASP B 140 7.76 -6.78 -27.93
N GLU B 141 7.44 -8.07 -27.84
CA GLU B 141 6.20 -8.54 -28.44
C GLU B 141 4.95 -7.89 -27.84
N VAL B 142 4.99 -7.67 -26.54
CA VAL B 142 3.84 -7.08 -25.87
C VAL B 142 3.56 -5.70 -26.42
N GLU B 143 4.64 -4.93 -26.58
CA GLU B 143 4.58 -3.60 -27.13
C GLU B 143 3.99 -3.57 -28.53
N LYS B 144 4.42 -4.49 -29.42
CA LYS B 144 3.88 -4.53 -30.82
C LYS B 144 2.38 -4.76 -30.88
N SER B 145 1.90 -5.70 -30.05
CA SER B 145 0.49 -6.17 -30.12
C SER B 145 -0.48 -5.39 -29.24
N GLY B 146 0.04 -4.63 -28.28
CA GLY B 146 -0.82 -3.98 -27.30
C GLY B 146 -1.37 -4.93 -26.24
N ALA B 147 -0.79 -6.12 -26.14
CA ALA B 147 -1.16 -7.04 -25.09
C ALA B 147 -0.91 -6.43 -23.68
N GLN B 148 -1.89 -6.51 -22.81
CA GLN B 148 -1.71 -6.14 -21.41
C GLN B 148 -1.01 -7.26 -20.66
N LEU B 149 -0.22 -6.93 -19.68
CA LEU B 149 0.48 -7.96 -18.91
C LEU B 149 0.06 -7.76 -17.46
N LEU B 150 -0.48 -8.80 -16.82
CA LEU B 150 -0.95 -8.66 -15.44
C LEU B 150 -0.34 -9.76 -14.69
N PRO B 151 0.52 -9.45 -13.73
CA PRO B 151 1.33 -10.54 -13.16
C PRO B 151 0.65 -11.23 -12.02
N VAL B 152 0.72 -12.56 -12.00
CA VAL B 152 0.05 -13.39 -11.02
C VAL B 152 0.91 -13.75 -9.82
N ASP B 153 2.22 -13.74 -9.95
CA ASP B 153 3.07 -14.16 -8.84
C ASP B 153 2.74 -13.21 -7.73
N SER B 154 2.74 -13.76 -6.52
CA SER B 154 2.30 -12.97 -5.35
C SER B 154 3.14 -11.72 -5.19
N GLU B 155 4.47 -11.82 -5.35
CA GLU B 155 5.31 -10.64 -5.13
C GLU B 155 5.08 -9.56 -6.23
N HIS B 156 5.01 -10.01 -7.46
CA HIS B 156 4.88 -9.08 -8.58
C HIS B 156 3.54 -8.42 -8.51
N ASN B 157 2.54 -9.15 -8.04
CA ASN B 157 1.21 -8.62 -8.00
C ASN B 157 1.14 -7.56 -6.92
N ALA B 158 1.85 -7.82 -5.79
CA ALA B 158 1.85 -6.88 -4.70
C ALA B 158 2.53 -5.58 -5.14
N ILE B 159 3.64 -5.71 -5.81
CA ILE B 159 4.36 -4.53 -6.31
C ILE B 159 3.42 -3.71 -7.20
N PHE B 160 2.75 -4.40 -8.13
CA PHE B 160 1.85 -3.82 -9.04
C PHE B 160 0.81 -3.03 -8.31
N GLN B 161 0.31 -3.60 -7.23
CA GLN B 161 -0.69 -2.81 -6.43
C GLN B 161 -0.17 -1.62 -5.64
N CYS B 162 1.10 -1.66 -5.28
CA CYS B 162 1.72 -0.56 -4.62
C CYS B 162 2.17 0.51 -5.59
N LEU B 163 2.07 0.32 -6.90
CA LEU B 163 2.49 1.33 -7.88
C LEU B 163 1.33 2.24 -8.24
N PRO B 164 1.61 3.47 -8.62
CA PRO B 164 0.58 4.28 -9.16
C PRO B 164 0.06 3.81 -10.48
N GLN B 165 -1.11 4.30 -10.79
CA GLN B 165 -1.82 3.84 -11.97
C GLN B 165 -1.07 4.06 -13.29
N THR B 166 -0.43 5.20 -13.49
CA THR B 166 0.18 5.44 -14.78
C THR B 166 1.25 4.39 -15.04
N VAL B 167 1.95 3.98 -13.98
CA VAL B 167 2.92 2.87 -14.10
C VAL B 167 2.24 1.53 -14.42
N GLN B 168 1.24 1.20 -13.62
CA GLN B 168 0.45 -0.01 -13.79
C GLN B 168 0.07 -0.26 -15.25
N GLY B 169 -0.32 0.78 -15.96
CA GLY B 169 -0.70 0.70 -17.37
C GLY B 169 0.43 0.72 -18.40
N ASN B 170 1.69 0.83 -17.97
CA ASN B 170 2.81 0.86 -18.87
CA ASN B 170 2.81 0.86 -18.89
C ASN B 170 3.89 -0.11 -18.45
N LEU B 171 3.51 -1.27 -17.97
CA LEU B 171 4.52 -2.30 -17.63
C LEU B 171 5.43 -2.60 -18.78
N GLY B 172 6.64 -3.06 -18.45
CA GLY B 172 7.66 -3.38 -19.46
C GLY B 172 8.49 -2.15 -19.86
N ARG B 173 7.82 -0.98 -19.91
CA ARG B 173 8.35 0.26 -20.36
C ARG B 173 8.22 1.39 -19.41
N CYS B 174 8.08 1.10 -18.12
CA CYS B 174 7.65 2.18 -17.22
C CYS B 174 8.84 3.06 -16.79
N ASP B 175 8.57 4.36 -16.74
CA ASP B 175 9.59 5.31 -16.24
C ASP B 175 9.38 5.54 -14.74
N LEU B 176 9.96 4.66 -13.97
CA LEU B 176 9.75 4.67 -12.54
C LEU B 176 10.07 6.03 -11.86
N ALA B 177 11.24 6.55 -12.13
CA ALA B 177 11.66 7.77 -11.51
C ALA B 177 10.73 8.89 -11.90
N SER B 178 10.29 8.96 -13.13
CA SER B 178 9.44 10.10 -13.42
C SER B 178 8.11 10.02 -12.71
N GLN B 179 7.74 8.87 -12.16
CA GLN B 179 6.46 8.80 -11.40
C GLN B 179 6.66 8.76 -9.87
N GLY B 180 7.87 9.02 -9.43
CA GLY B 180 8.10 9.22 -8.06
C GLY B 180 8.51 7.98 -7.37
N VAL B 181 8.84 6.94 -8.09
CA VAL B 181 9.25 5.71 -7.44
C VAL B 181 10.74 5.66 -7.32
N SER B 182 11.23 5.60 -6.12
CA SER B 182 12.67 5.51 -5.86
C SER B 182 13.11 4.09 -6.08
N HIS B 183 12.42 3.17 -5.44
CA HIS B 183 12.76 1.74 -5.60
C HIS B 183 11.65 0.78 -5.20
N ILE B 184 11.75 -0.45 -5.69
CA ILE B 184 10.79 -1.49 -5.40
C ILE B 184 11.46 -2.43 -4.40
N LEU B 185 10.72 -2.92 -3.41
CA LEU B 185 11.33 -3.76 -2.40
C LEU B 185 10.64 -5.12 -2.56
N LEU B 186 11.40 -6.03 -3.15
CA LEU B 186 10.94 -7.38 -3.36
C LEU B 186 11.21 -8.17 -2.06
N THR B 187 10.16 -8.73 -1.46
CA THR B 187 10.27 -9.44 -0.19
C THR B 187 10.23 -10.94 -0.35
N GLY B 188 10.87 -11.63 0.58
CA GLY B 188 10.79 -13.06 0.75
C GLY B 188 11.22 -13.58 2.11
N SER B 189 10.89 -14.78 2.42
CA SER B 189 10.90 -15.28 3.77
C SER B 189 12.27 -15.58 4.26
N GLY B 190 13.17 -15.71 3.34
CA GLY B 190 14.48 -16.19 3.66
C GLY B 190 14.62 -17.72 3.79
N GLY B 191 13.56 -18.46 3.67
CA GLY B 191 13.72 -19.91 3.68
C GLY B 191 13.99 -20.50 5.05
N PRO B 192 14.03 -21.82 5.14
CA PRO B 192 14.27 -22.49 6.41
C PRO B 192 15.62 -22.20 7.06
N PHE B 193 16.62 -21.76 6.31
CA PHE B 193 17.92 -21.45 6.89
C PHE B 193 18.16 -19.96 7.29
N ARG B 194 17.07 -19.24 7.41
CA ARG B 194 17.12 -17.85 7.57
C ARG B 194 17.96 -17.39 8.81
N TYR B 195 17.91 -18.17 9.88
CA TYR B 195 18.64 -17.91 11.10
C TYR B 195 19.72 -18.97 11.36
N THR B 196 20.08 -19.76 10.36
CA THR B 196 21.04 -20.84 10.57
C THR B 196 22.45 -20.39 10.30
N ASP B 197 23.42 -20.85 11.12
CA ASP B 197 24.84 -20.50 10.93
C ASP B 197 25.33 -20.99 9.58
N VAL B 198 26.07 -20.17 8.84
CA VAL B 198 26.55 -20.48 7.47
C VAL B 198 27.37 -21.76 7.42
N ALA B 199 28.27 -21.92 8.39
CA ALA B 199 29.04 -23.16 8.60
C ALA B 199 28.18 -24.46 8.41
N GLU B 200 26.97 -24.47 8.98
CA GLU B 200 26.04 -25.62 8.99
C GLU B 200 25.36 -25.93 7.65
N LEU B 201 25.46 -25.01 6.70
CA LEU B 201 24.82 -25.23 5.40
C LEU B 201 25.40 -26.38 4.59
N GLU B 202 26.70 -26.62 4.76
CA GLU B 202 27.38 -27.71 4.04
C GLU B 202 26.61 -29.02 4.19
N ALA B 203 26.19 -29.29 5.42
CA ALA B 203 25.56 -30.56 5.87
C ALA B 203 24.04 -30.76 5.67
N VAL B 204 23.39 -29.83 5.01
CA VAL B 204 21.97 -29.80 5.06
C VAL B 204 21.40 -30.88 4.13
N THR B 205 20.38 -31.57 4.66
CA THR B 205 19.65 -32.67 4.01
C THR B 205 18.42 -32.15 3.29
N PRO B 206 17.96 -32.88 2.26
CA PRO B 206 16.75 -32.42 1.60
C PRO B 206 15.55 -32.35 2.54
N GLU B 207 15.48 -33.27 3.50
CA GLU B 207 14.43 -33.21 4.56
C GLU B 207 14.41 -31.85 5.21
N GLN B 208 15.59 -31.37 5.58
CA GLN B 208 15.72 -30.07 6.23
C GLN B 208 15.41 -28.91 5.31
N ALA B 209 15.85 -28.99 4.06
CA ALA B 209 15.59 -27.93 3.12
C ALA B 209 14.14 -27.83 2.75
N ILE B 210 13.45 -28.95 2.74
CA ILE B 210 12.00 -29.00 2.42
C ILE B 210 11.04 -28.48 3.42
N ALA B 211 11.38 -28.47 4.71
CA ALA B 211 10.43 -27.93 5.73
C ALA B 211 9.90 -26.55 5.28
N HIS B 212 8.59 -26.36 5.33
CA HIS B 212 7.95 -25.14 4.79
C HIS B 212 6.66 -24.78 5.53
N PRO B 213 5.95 -23.68 5.07
CA PRO B 213 4.68 -23.40 5.77
C PRO B 213 3.72 -24.54 5.52
N ASN B 214 2.62 -24.60 6.27
CA ASN B 214 1.60 -25.65 6.07
C ASN B 214 1.20 -25.68 4.59
N TRP B 215 1.03 -24.50 4.00
CA TRP B 215 0.78 -24.42 2.56
C TRP B 215 2.00 -25.01 1.88
N SER B 216 1.80 -26.00 1.01
CA SER B 216 2.92 -26.70 0.36
C SER B 216 3.49 -25.99 -0.90
N MET B 217 4.71 -26.39 -1.24
CA MET B 217 5.30 -26.09 -2.51
C MET B 217 5.83 -27.42 -3.09
N GLY B 218 6.00 -27.46 -4.40
CA GLY B 218 6.75 -28.54 -5.01
C GLY B 218 8.18 -28.60 -4.43
N PRO B 219 8.83 -29.77 -4.55
CA PRO B 219 10.13 -29.82 -3.86
C PRO B 219 11.23 -28.87 -4.44
N LYS B 220 11.26 -28.69 -5.74
CA LYS B 220 12.18 -27.87 -6.41
C LYS B 220 12.07 -26.45 -5.89
N ILE B 221 10.85 -25.94 -5.92
CA ILE B 221 10.56 -24.60 -5.49
C ILE B 221 10.94 -24.45 -4.02
N SER B 222 10.70 -25.47 -3.21
CA SER B 222 11.04 -25.40 -1.79
C SER B 222 12.54 -25.27 -1.58
N VAL B 223 13.30 -25.95 -2.43
CA VAL B 223 14.73 -25.80 -2.42
C VAL B 223 15.16 -24.42 -2.93
N ASP B 224 14.58 -23.90 -4.01
CA ASP B 224 14.87 -22.54 -4.44
C ASP B 224 14.54 -21.50 -3.34
N SER B 225 13.59 -21.76 -2.50
CA SER B 225 13.26 -20.88 -1.43
C SER B 225 14.33 -20.94 -0.33
N ALA B 226 14.94 -22.11 -0.15
CA ALA B 226 16.05 -22.31 0.78
C ALA B 226 17.32 -21.55 0.42
N THR B 227 17.67 -21.63 -0.85
CA THR B 227 18.81 -20.87 -1.39
C THR B 227 18.51 -19.46 -1.85
N MET B 228 17.24 -19.06 -1.85
CA MET B 228 16.73 -17.80 -2.44
C MET B 228 16.98 -17.66 -3.88
N MET B 229 17.25 -18.74 -4.54
CA MET B 229 17.21 -18.73 -5.99
C MET B 229 15.83 -18.30 -6.45
N ASN B 230 14.81 -18.67 -5.70
CA ASN B 230 13.47 -18.33 -6.09
C ASN B 230 13.28 -16.84 -6.11
N LYS B 231 13.72 -16.21 -5.02
CA LYS B 231 13.77 -14.77 -5.04
C LYS B 231 14.61 -14.18 -6.18
N GLY B 232 15.73 -14.82 -6.55
CA GLY B 232 16.50 -14.28 -7.66
C GLY B 232 15.76 -14.31 -8.99
N LEU B 233 15.05 -15.40 -9.22
CA LEU B 233 14.23 -15.51 -10.39
C LEU B 233 13.13 -14.44 -10.37
N GLU B 234 12.50 -14.25 -9.22
CA GLU B 234 11.49 -13.18 -9.13
C GLU B 234 12.11 -11.87 -9.41
N TYR B 235 13.38 -11.71 -9.02
CA TYR B 235 14.05 -10.43 -9.27
C TYR B 235 14.19 -10.15 -10.76
N ILE B 236 14.64 -11.19 -11.47
CA ILE B 236 14.80 -11.09 -12.91
C ILE B 236 13.47 -10.71 -13.58
N GLU B 237 12.41 -11.40 -13.20
CA GLU B 237 11.08 -11.07 -13.78
C GLU B 237 10.65 -9.66 -13.46
N ALA B 238 10.90 -9.29 -12.18
CA ALA B 238 10.55 -7.93 -11.74
C ALA B 238 11.26 -6.88 -12.58
N LYS B 239 12.52 -7.12 -12.89
CA LYS B 239 13.23 -6.13 -13.66
C LYS B 239 12.53 -5.89 -15.00
N TRP B 240 12.06 -6.96 -15.63
CA TRP B 240 11.41 -6.79 -16.91
C TRP B 240 10.00 -6.26 -16.76
N LEU B 241 9.24 -6.79 -15.83
CA LEU B 241 7.89 -6.23 -15.68
C LEU B 241 7.88 -4.74 -15.42
N PHE B 242 8.80 -4.28 -14.56
CA PHE B 242 8.75 -2.89 -14.06
C PHE B 242 9.86 -1.99 -14.61
N ASN B 243 10.67 -2.53 -15.53
CA ASN B 243 11.68 -1.76 -16.20
C ASN B 243 12.61 -1.06 -15.20
N ALA B 244 13.22 -1.87 -14.37
CA ALA B 244 13.89 -1.43 -13.22
C ALA B 244 15.36 -1.43 -13.46
N SER B 245 15.96 -0.27 -13.21
CA SER B 245 17.40 -0.18 -13.33
C SER B 245 18.05 -0.84 -12.11
N ARG B 246 19.36 -0.87 -12.13
CA ARG B 246 20.13 -1.45 -11.04
C ARG B 246 19.88 -0.67 -9.73
N ASP B 247 19.59 0.58 -9.82
CA ASP B 247 19.19 1.43 -8.67
C ASP B 247 17.84 1.14 -8.06
N GLN B 248 16.86 0.77 -8.91
CA GLN B 248 15.46 0.65 -8.53
C GLN B 248 14.85 -0.63 -7.94
N LEU B 249 15.62 -1.69 -7.78
CA LEU B 249 15.08 -2.92 -7.27
C LEU B 249 15.89 -3.51 -6.15
N LYS B 250 15.26 -3.80 -5.00
CA LYS B 250 15.97 -4.36 -3.88
C LYS B 250 15.35 -5.56 -3.36
N VAL B 251 16.03 -6.22 -2.44
CA VAL B 251 15.49 -7.41 -1.85
C VAL B 251 15.57 -7.29 -0.32
N ILE B 252 14.47 -7.52 0.36
CA ILE B 252 14.40 -7.55 1.83
C ILE B 252 13.89 -8.95 2.28
N ILE B 253 14.44 -9.49 3.32
CA ILE B 253 13.84 -10.59 4.00
C ILE B 253 12.73 -10.18 5.04
N HIS B 254 11.56 -10.81 4.90
CA HIS B 254 10.41 -10.66 5.75
C HIS B 254 9.90 -12.07 6.13
N PRO B 255 10.32 -12.60 7.28
CA PRO B 255 10.13 -14.01 7.55
C PRO B 255 8.73 -14.47 7.61
N GLN B 256 7.80 -13.60 8.00
CA GLN B 256 6.38 -14.07 8.15
C GLN B 256 5.59 -14.14 6.84
N SER B 257 6.04 -13.43 5.80
CA SER B 257 5.36 -13.36 4.51
C SER B 257 3.95 -12.86 4.53
N VAL B 258 3.62 -11.98 5.51
CA VAL B 258 2.34 -11.26 5.52
C VAL B 258 2.33 -10.12 4.52
N ILE B 259 3.37 -9.33 4.61
CA ILE B 259 3.70 -8.37 3.59
C ILE B 259 4.21 -9.04 2.37
N HIS B 260 3.64 -8.69 1.20
CA HIS B 260 4.10 -9.45 -0.01
C HIS B 260 5.07 -8.75 -0.93
N SER B 261 5.21 -7.46 -0.82
CA SER B 261 6.32 -6.70 -1.37
C SER B 261 5.92 -5.27 -1.16
N MET B 262 6.81 -4.33 -1.47
CA MET B 262 6.57 -2.93 -1.22
C MET B 262 7.21 -2.06 -2.24
N VAL B 263 6.79 -0.77 -2.21
CA VAL B 263 7.33 0.24 -3.07
C VAL B 263 7.65 1.49 -2.20
N GLN B 264 8.86 2.06 -2.42
CA GLN B 264 9.38 3.23 -1.74
C GLN B 264 9.31 4.41 -2.69
N TYR B 265 8.55 5.43 -2.32
CA TYR B 265 8.39 6.61 -3.13
C TYR B 265 9.39 7.72 -2.69
N LEU B 266 9.49 8.72 -3.58
CA LEU B 266 10.45 9.82 -3.51
C LEU B 266 10.31 10.70 -2.25
N ASP B 267 9.09 10.82 -1.72
CA ASP B 267 8.80 11.70 -0.60
C ASP B 267 8.98 10.94 0.70
N GLY B 268 9.47 9.69 0.66
CA GLY B 268 9.62 8.86 1.90
C GLY B 268 8.53 7.86 2.09
N SER B 269 7.40 8.05 1.41
CA SER B 269 6.25 7.18 1.60
C SER B 269 6.53 5.78 1.09
N VAL B 270 6.10 4.78 1.85
CA VAL B 270 6.15 3.38 1.38
C VAL B 270 4.80 2.79 1.33
N LEU B 271 4.47 2.09 0.25
CA LEU B 271 3.26 1.32 0.24
C LEU B 271 3.58 -0.13 0.29
N ALA B 272 2.86 -0.88 1.07
CA ALA B 272 3.06 -2.33 1.13
C ALA B 272 1.68 -3.06 0.92
N GLN B 273 1.70 -4.24 0.31
CA GLN B 273 0.51 -5.04 0.11
C GLN B 273 0.67 -6.19 1.04
N MET B 274 -0.42 -6.55 1.69
CA MET B 274 -0.45 -7.70 2.61
C MET B 274 -1.73 -8.50 2.36
N GLY B 275 -1.74 -9.74 2.82
CA GLY B 275 -2.96 -10.56 2.69
C GLY B 275 -2.86 -11.95 3.22
N GLU B 276 -3.99 -12.64 3.25
CA GLU B 276 -4.01 -14.04 3.68
C GLU B 276 -3.30 -14.76 2.56
N PRO B 277 -2.69 -15.89 2.85
CA PRO B 277 -1.88 -16.54 1.75
C PRO B 277 -2.74 -17.37 0.83
N ASP B 278 -3.48 -16.72 -0.04
CA ASP B 278 -4.34 -17.38 -1.00
C ASP B 278 -4.09 -16.75 -2.35
N MET B 279 -3.82 -17.54 -3.37
CA MET B 279 -3.52 -16.99 -4.70
C MET B 279 -4.78 -16.48 -5.39
N ALA B 280 -5.91 -16.73 -4.79
CA ALA B 280 -7.11 -16.10 -5.40
C ALA B 280 -7.10 -14.57 -5.31
N THR B 281 -6.47 -14.03 -4.28
CA THR B 281 -6.38 -12.54 -4.17
C THR B 281 -5.65 -11.96 -5.41
N PRO B 282 -4.36 -12.31 -5.62
CA PRO B 282 -3.71 -11.73 -6.75
C PRO B 282 -4.38 -12.06 -8.07
N ILE B 283 -4.79 -13.29 -8.22
CA ILE B 283 -5.50 -13.70 -9.48
C ILE B 283 -6.71 -12.88 -9.72
N ALA B 284 -7.48 -12.68 -8.66
CA ALA B 284 -8.67 -11.87 -8.79
C ALA B 284 -8.40 -10.49 -9.40
N LEU B 285 -7.35 -9.82 -8.90
CA LEU B 285 -7.02 -8.51 -9.48
C LEU B 285 -6.55 -8.62 -10.89
N THR B 286 -5.80 -9.65 -11.25
CA THR B 286 -5.43 -9.79 -12.67
C THR B 286 -6.69 -9.99 -13.52
N LEU B 287 -7.70 -10.65 -12.98
CA LEU B 287 -8.97 -10.71 -13.71
C LEU B 287 -9.76 -9.42 -13.77
N SER B 288 -9.81 -8.70 -12.66
CA SER B 288 -10.70 -7.53 -12.49
C SER B 288 -10.15 -6.16 -12.88
N TYR B 289 -8.82 -6.04 -12.92
CA TYR B 289 -8.11 -4.77 -13.12
C TYR B 289 -8.73 -3.95 -14.23
N PRO B 290 -9.12 -2.70 -13.98
CA PRO B 290 -8.85 -1.93 -12.74
C PRO B 290 -9.90 -1.95 -11.61
N GLU B 291 -10.93 -2.72 -11.75
CA GLU B 291 -11.89 -2.87 -10.68
C GLU B 291 -11.40 -4.02 -9.80
N ARG B 292 -12.19 -4.27 -8.80
CA ARG B 292 -12.00 -5.28 -7.82
C ARG B 292 -13.28 -6.16 -7.76
N VAL B 293 -13.10 -7.42 -7.37
CA VAL B 293 -14.15 -8.40 -7.26
C VAL B 293 -13.98 -9.27 -6.03
N LYS B 294 -15.03 -9.95 -5.64
CA LYS B 294 -14.90 -10.92 -4.56
C LYS B 294 -14.02 -12.06 -5.01
N ALA B 295 -13.25 -12.61 -4.11
CA ALA B 295 -12.38 -13.67 -4.44
C ALA B 295 -12.54 -14.92 -3.60
N GLY B 296 -13.45 -14.88 -2.65
CA GLY B 296 -13.61 -15.93 -1.71
C GLY B 296 -12.43 -16.07 -0.78
N VAL B 297 -11.68 -15.00 -0.52
CA VAL B 297 -10.64 -14.96 0.50
C VAL B 297 -11.14 -14.12 1.64
N LYS B 298 -10.88 -14.59 2.85
CA LYS B 298 -11.30 -13.79 4.07
C LYS B 298 -10.44 -12.58 4.29
N PRO B 299 -10.99 -11.51 4.92
CA PRO B 299 -10.15 -10.33 5.08
C PRO B 299 -9.04 -10.71 6.07
N LEU B 300 -7.93 -9.98 6.04
CA LEU B 300 -6.82 -10.34 6.85
C LEU B 300 -7.19 -10.00 8.30
N ASP B 301 -6.94 -10.88 9.25
CA ASP B 301 -7.20 -10.56 10.66
C ASP B 301 -5.96 -10.14 11.42
N PHE B 302 -5.88 -8.89 11.75
CA PHE B 302 -4.67 -8.38 12.43
C PHE B 302 -4.49 -8.86 13.87
N THR B 303 -5.57 -9.34 14.48
CA THR B 303 -5.50 -10.09 15.75
C THR B 303 -4.59 -11.32 15.65
N GLN B 304 -4.59 -11.98 14.49
CA GLN B 304 -3.92 -13.26 14.35
C GLN B 304 -2.63 -13.21 13.54
N VAL B 305 -2.15 -12.04 13.18
CA VAL B 305 -1.02 -11.95 12.27
C VAL B 305 0.30 -12.30 12.93
N GLY B 306 0.43 -12.00 14.22
CA GLY B 306 1.70 -12.14 14.90
C GLY B 306 2.60 -10.95 14.62
N GLU B 307 3.88 -11.08 14.93
CA GLU B 307 4.81 -10.00 14.76
C GLU B 307 5.33 -10.00 13.31
N LEU B 308 5.54 -8.85 12.72
CA LEU B 308 6.22 -8.74 11.43
C LEU B 308 7.66 -8.23 11.63
N THR B 309 8.65 -8.87 11.00
CA THR B 309 10.06 -8.42 11.12
C THR B 309 10.72 -8.45 9.79
N PHE B 310 11.93 -7.94 9.75
CA PHE B 310 12.71 -7.84 8.54
C PHE B 310 14.16 -8.19 8.82
N LEU B 311 14.81 -8.74 7.85
CA LEU B 311 16.19 -9.13 8.04
C LEU B 311 16.90 -8.67 6.79
N GLN B 312 18.19 -8.62 6.90
CA GLN B 312 19.00 -8.30 5.82
C GLN B 312 19.62 -9.54 5.30
N PRO B 313 19.38 -9.86 4.02
CA PRO B 313 20.04 -11.03 3.48
C PRO B 313 21.52 -10.77 3.40
N ASP B 314 22.32 -11.80 3.49
CA ASP B 314 23.70 -11.71 3.03
C ASP B 314 24.08 -12.85 2.07
N PHE B 315 25.09 -12.54 1.27
CA PHE B 315 25.55 -13.42 0.22
C PHE B 315 26.32 -14.65 0.64
N GLU B 316 26.86 -14.66 1.85
CA GLU B 316 27.53 -15.86 2.33
C GLU B 316 26.41 -16.92 2.53
N ARG B 317 25.24 -16.47 3.00
CA ARG B 317 24.11 -17.32 3.27
C ARG B 317 23.37 -17.62 1.97
N TYR B 318 23.29 -16.68 1.04
CA TYR B 318 22.50 -16.84 -0.20
C TYR B 318 23.25 -16.47 -1.47
N PRO B 319 24.31 -17.25 -1.79
CA PRO B 319 25.02 -16.92 -3.05
C PRO B 319 24.22 -16.99 -4.33
N CYS B 320 23.20 -17.83 -4.35
CA CYS B 320 22.36 -17.90 -5.55
C CYS B 320 21.72 -16.55 -5.92
N LEU B 321 21.43 -15.77 -4.89
CA LEU B 321 20.75 -14.54 -5.09
C LEU B 321 21.64 -13.56 -5.81
N ALA B 322 22.89 -13.56 -5.41
CA ALA B 322 23.90 -12.76 -6.12
C ALA B 322 24.11 -13.16 -7.58
N LEU B 323 24.16 -14.49 -7.77
CA LEU B 323 24.22 -15.01 -9.12
C LEU B 323 23.06 -14.53 -9.96
N ALA B 324 21.85 -14.58 -9.38
CA ALA B 324 20.69 -14.25 -10.15
C ALA B 324 20.68 -12.81 -10.49
N ILE B 325 21.01 -11.97 -9.52
CA ILE B 325 21.00 -10.55 -9.77
C ILE B 325 22.06 -10.17 -10.83
N GLU B 326 23.21 -10.79 -10.71
CA GLU B 326 24.26 -10.55 -11.65
C GLU B 326 23.84 -10.96 -13.06
N ALA B 327 23.24 -12.14 -13.14
CA ALA B 327 22.78 -12.67 -14.38
C ALA B 327 21.70 -11.79 -15.01
N CYS B 328 20.86 -11.25 -14.13
CA CYS B 328 19.78 -10.44 -14.57
C CYS B 328 20.21 -9.30 -15.45
N TYR B 329 21.32 -8.66 -15.10
CA TYR B 329 21.78 -7.50 -15.84
C TYR B 329 22.71 -7.85 -16.95
N LEU B 330 23.20 -9.07 -16.97
CA LEU B 330 23.86 -9.61 -18.20
C LEU B 330 22.92 -9.98 -19.35
N GLY B 331 21.66 -10.35 -19.06
CA GLY B 331 20.67 -10.61 -20.13
C GLY B 331 20.19 -12.05 -20.30
N GLN B 332 19.47 -12.22 -21.37
CA GLN B 332 18.73 -13.47 -21.56
C GLN B 332 19.58 -14.74 -21.55
N HIS B 333 20.78 -14.64 -22.09
CA HIS B 333 21.61 -15.83 -22.19
C HIS B 333 22.00 -16.26 -20.77
N ALA B 334 22.30 -15.28 -19.92
CA ALA B 334 22.73 -15.62 -18.59
C ALA B 334 21.56 -16.11 -17.70
N THR B 335 20.40 -15.48 -17.83
CA THR B 335 19.24 -15.86 -17.03
C THR B 335 18.79 -17.24 -17.46
N THR B 336 18.70 -17.40 -18.77
CA THR B 336 18.48 -18.75 -19.35
C THR B 336 19.48 -19.77 -18.84
N THR B 337 20.74 -19.45 -18.91
CA THR B 337 21.74 -20.41 -18.47
C THR B 337 21.61 -20.82 -16.98
N LEU B 338 21.48 -19.77 -16.11
CA LEU B 338 21.39 -19.94 -14.65
C LEU B 338 20.19 -20.84 -14.22
N ASN B 339 19.08 -20.61 -14.86
CA ASN B 339 17.89 -21.29 -14.55
C ASN B 339 18.01 -22.78 -14.92
N ALA B 340 18.55 -23.01 -16.12
CA ALA B 340 18.78 -24.37 -16.61
C ALA B 340 19.72 -25.15 -15.64
N ALA B 341 20.83 -24.50 -15.30
CA ALA B 341 21.79 -25.14 -14.42
C ALA B 341 21.23 -25.49 -13.01
N ASN B 342 20.38 -24.57 -12.54
CA ASN B 342 19.80 -24.68 -11.22
C ASN B 342 18.80 -25.85 -11.15
N GLU B 343 18.07 -26.07 -12.22
CA GLU B 343 17.19 -27.24 -12.28
C GLU B 343 18.03 -28.52 -12.04
N VAL B 344 19.13 -28.60 -12.73
CA VAL B 344 19.94 -29.77 -12.56
C VAL B 344 20.54 -29.92 -11.17
N ALA B 345 21.05 -28.79 -10.64
CA ALA B 345 21.72 -28.85 -9.33
C ALA B 345 20.74 -29.21 -8.20
N VAL B 346 19.51 -28.73 -8.32
CA VAL B 346 18.50 -29.00 -7.31
C VAL B 346 18.10 -30.48 -7.35
N ALA B 347 17.72 -30.97 -8.54
CA ALA B 347 17.50 -32.42 -8.75
C ALA B 347 18.67 -33.22 -8.18
N ALA B 348 19.89 -32.82 -8.53
CA ALA B 348 21.11 -33.45 -8.01
C ALA B 348 21.12 -33.52 -6.48
N PHE B 349 20.82 -32.39 -5.85
CA PHE B 349 20.82 -32.28 -4.38
C PHE B 349 19.73 -33.19 -3.76
N LEU B 350 18.56 -33.18 -4.39
CA LEU B 350 17.43 -34.03 -4.00
C LEU B 350 17.81 -35.53 -4.12
N ALA B 351 18.51 -35.85 -5.17
CA ALA B 351 19.04 -37.18 -5.38
C ALA B 351 20.14 -37.57 -4.38
N ARG B 352 20.51 -36.68 -3.47
CA ARG B 352 21.55 -36.98 -2.52
C ARG B 352 22.95 -37.14 -3.16
N GLN B 353 23.11 -36.72 -4.40
CA GLN B 353 24.41 -36.76 -5.07
C GLN B 353 25.36 -35.63 -4.61
N ILE B 354 24.79 -34.47 -4.33
CA ILE B 354 25.57 -33.31 -3.92
C ILE B 354 25.03 -32.73 -2.61
N LYS B 355 25.86 -31.91 -1.98
CA LYS B 355 25.51 -31.21 -0.75
C LYS B 355 24.71 -29.97 -1.08
N PHE B 356 24.05 -29.48 -0.07
CA PHE B 356 23.21 -28.29 -0.25
C PHE B 356 24.00 -27.07 -0.87
N THR B 357 25.12 -26.77 -0.23
CA THR B 357 26.03 -25.71 -0.67
C THR B 357 26.68 -25.91 -2.06
N ASP B 358 26.60 -27.15 -2.57
CA ASP B 358 27.03 -27.43 -3.94
C ASP B 358 26.09 -26.91 -4.99
N ILE B 359 24.84 -26.56 -4.63
CA ILE B 359 23.93 -26.02 -5.63
C ILE B 359 24.47 -24.73 -6.29
N ALA B 360 24.84 -23.77 -5.44
CA ALA B 360 25.44 -22.54 -5.93
C ALA B 360 26.74 -22.76 -6.73
N ARG B 361 27.55 -23.73 -6.35
CA ARG B 361 28.85 -23.96 -7.11
C ARG B 361 28.61 -24.37 -8.55
N VAL B 362 27.64 -25.23 -8.68
CA VAL B 362 27.27 -25.71 -9.99
C VAL B 362 26.79 -24.56 -10.83
N ASN B 363 25.93 -23.78 -10.21
CA ASN B 363 25.36 -22.65 -10.92
C ASN B 363 26.43 -21.70 -11.40
N ASP B 364 27.32 -21.42 -10.47
CA ASP B 364 28.38 -20.55 -10.77
C ASP B 364 29.26 -21.04 -11.93
N SER B 365 29.67 -22.29 -11.88
CA SER B 365 30.56 -22.83 -12.94
C SER B 365 29.92 -22.73 -14.30
N VAL B 366 28.65 -23.14 -14.36
CA VAL B 366 28.02 -23.24 -15.66
C VAL B 366 27.89 -21.87 -16.24
N LEU B 367 27.45 -21.00 -15.36
CA LEU B 367 27.24 -19.63 -15.68
C LEU B 367 28.49 -19.03 -16.29
N ASN B 368 29.63 -19.26 -15.67
CA ASN B 368 30.88 -18.72 -16.18
C ASN B 368 31.27 -19.16 -17.57
N GLN B 369 31.16 -20.45 -17.82
CA GLN B 369 31.57 -20.98 -19.12
C GLN B 369 30.79 -20.44 -20.31
N VAL B 370 29.50 -20.41 -20.19
CA VAL B 370 28.66 -19.98 -21.28
C VAL B 370 28.94 -18.53 -21.63
N CYS B 371 29.13 -17.73 -20.60
CA CYS B 371 29.36 -16.33 -20.80
C CYS B 371 30.67 -16.05 -21.51
N LYS B 372 31.69 -16.84 -21.22
CA LYS B 372 32.97 -16.64 -21.87
C LYS B 372 32.78 -16.73 -23.37
N GLN B 373 32.04 -17.73 -23.81
CA GLN B 373 31.80 -17.92 -25.23
C GLN B 373 30.98 -16.75 -25.77
N LEU B 379 20.28 -12.69 -33.72
CA LEU B 379 19.14 -12.33 -32.87
C LEU B 379 18.72 -13.50 -32.01
N ASP B 380 17.86 -13.24 -31.02
CA ASP B 380 17.34 -14.27 -30.11
C ASP B 380 15.86 -14.75 -30.37
N SER B 381 15.64 -16.04 -30.12
CA SER B 381 14.36 -16.73 -30.38
C SER B 381 14.10 -17.71 -29.23
N LEU B 382 12.83 -18.06 -29.06
CA LEU B 382 12.46 -19.14 -28.12
C LEU B 382 13.27 -20.42 -28.35
N GLU B 383 13.43 -20.79 -29.62
CA GLU B 383 14.18 -21.98 -29.93
C GLU B 383 15.67 -21.83 -29.61
N SER B 384 16.28 -20.70 -30.03
CA SER B 384 17.72 -20.45 -29.68
C SER B 384 17.93 -20.62 -28.16
N LEU B 385 16.98 -20.06 -27.39
CA LEU B 385 17.04 -20.08 -25.95
C LEU B 385 16.81 -21.49 -25.34
N LEU B 386 15.91 -22.24 -25.97
CA LEU B 386 15.71 -23.63 -25.53
C LEU B 386 16.95 -24.51 -25.76
N GLU B 387 17.62 -24.24 -26.89
CA GLU B 387 18.88 -24.95 -27.23
C GLU B 387 19.94 -24.66 -26.22
N LEU B 388 19.94 -23.38 -25.87
CA LEU B 388 20.84 -22.88 -24.85
C LEU B 388 20.57 -23.56 -23.54
N ASP B 389 19.29 -23.76 -23.27
CA ASP B 389 18.87 -24.39 -22.06
C ASP B 389 19.43 -25.81 -22.01
N ARG B 390 19.30 -26.52 -23.13
CA ARG B 390 19.88 -27.89 -23.23
C ARG B 390 21.41 -27.92 -23.01
N MET B 391 22.11 -26.99 -23.62
CA MET B 391 23.56 -26.96 -23.48
C MET B 391 23.87 -26.80 -22.02
N ALA B 392 23.10 -25.88 -21.39
CA ALA B 392 23.35 -25.54 -20.03
C ALA B 392 23.15 -26.74 -19.14
N ARG B 393 22.06 -27.44 -19.39
CA ARG B 393 21.80 -28.66 -18.60
C ARG B 393 22.93 -29.70 -18.77
N THR B 394 23.44 -29.85 -19.99
CA THR B 394 24.52 -30.82 -20.19
C THR B 394 25.77 -30.40 -19.35
N LEU B 395 26.09 -29.12 -19.42
CA LEU B 395 27.28 -28.65 -18.71
C LEU B 395 27.11 -28.92 -17.24
N ALA B 396 25.87 -28.71 -16.79
CA ALA B 396 25.53 -28.90 -15.40
C ALA B 396 25.70 -30.34 -14.96
N ASP B 397 25.24 -31.26 -15.83
CA ASP B 397 25.41 -32.72 -15.63
C ASP B 397 26.86 -33.06 -15.42
N GLU B 398 27.72 -32.47 -16.27
CA GLU B 398 29.16 -32.76 -16.17
C GLU B 398 29.65 -32.35 -14.82
N VAL B 399 29.22 -31.15 -14.45
CA VAL B 399 29.73 -30.58 -13.24
C VAL B 399 29.27 -31.38 -12.02
N VAL B 400 28.08 -31.95 -12.10
CA VAL B 400 27.55 -32.77 -11.01
C VAL B 400 28.35 -34.04 -10.86
N ARG B 401 28.79 -34.59 -11.99
CA ARG B 401 29.67 -35.74 -11.94
C ARG B 401 30.90 -35.42 -11.09
N GLU B 402 31.50 -34.25 -11.30
CA GLU B 402 32.73 -33.89 -10.55
C GLU B 402 32.53 -33.73 -8.99
N ARG B 403 31.55 -32.90 -8.61
CA ARG B 403 31.19 -32.62 -7.18
C ARG B 403 30.57 -33.87 -6.45
N ALA B 404 30.20 -34.92 -7.23
CA ALA B 404 29.93 -36.27 -6.70
C ALA B 404 31.21 -37.10 -6.67
C1 EDO C . -1.72 2.53 -5.36
O1 EDO C . -2.02 2.69 -6.76
C2 EDO C . -2.97 2.83 -4.51
O2 EDO C . -3.63 3.99 -5.04
C1 EDO D . 7.52 12.52 -9.66
O1 EDO D . 6.11 12.66 -9.89
C2 EDO D . 8.27 13.63 -10.40
O2 EDO D . 9.68 13.46 -10.18
C1 EDO E . -7.17 16.18 8.41
O1 EDO E . -6.10 15.22 8.17
C2 EDO E . -6.87 17.09 9.61
O2 EDO E . -6.61 16.28 10.75
P PO4 F . -1.50 9.00 17.67
O1 PO4 F . -0.29 9.14 18.60
O2 PO4 F . -2.71 9.91 18.14
O3 PO4 F . -1.03 9.50 16.30
O4 PO4 F . -1.81 7.47 17.66
MN MN G . -2.38 10.83 15.06
C1 EDO H . 4.81 -13.20 -13.21
O1 EDO H . 4.27 -12.88 -11.92
C2 EDO H . 4.96 -14.70 -13.31
O2 EDO H . 6.01 -15.18 -12.44
C1 EDO I . -0.91 -14.51 -2.27
O1 EDO I . -0.82 -13.09 -2.33
C2 EDO I . 0.12 -15.03 -1.29
O2 EDO I . 0.19 -16.47 -1.37
C1 EDO J . 13.11 8.30 -0.50
O1 EDO J . 13.84 7.45 -1.40
C2 EDO J . 13.91 9.57 -0.19
O2 EDO J . 14.19 10.32 -1.38
P PO4 K . 9.58 -17.08 -0.50
O1 PO4 K . 9.47 -15.59 -0.38
O2 PO4 K . 10.31 -17.59 0.71
O3 PO4 K . 10.33 -17.46 -1.77
O4 PO4 K . 8.17 -17.66 -0.54
MN MN L . 6.94 -15.96 -4.17
#